data_6IPU
#
_entry.id   6IPU
#
_cell.length_a   107.560
_cell.length_b   109.710
_cell.length_c   183.480
_cell.angle_alpha   90.00
_cell.angle_beta   90.00
_cell.angle_gamma   90.00
#
_symmetry.space_group_name_H-M   'P 21 21 21'
#
loop_
_entity.id
_entity.type
_entity.pdbx_description
1 polymer 'Histone H3.1'
2 polymer 'Histone H4'
3 polymer 'Histone H2A type 1-B/E'
4 polymer 'Histone H2B type 1-J'
5 polymer 'Histone H4'
6 polymer 'DNA (145-MER)'
7 polymer 'DNA (145-MER)'
8 non-polymer 'CHLORIDE ION'
9 non-polymer 'MANGANESE (II) ION'
10 water water
#
loop_
_entity_poly.entity_id
_entity_poly.type
_entity_poly.pdbx_seq_one_letter_code
_entity_poly.pdbx_strand_id
1 'polypeptide(L)'
;PHRYRPGTVALREIRRYQKSTELLIRKLPFQRLVREIAQDFKTDLRFQSSAVMALQEACEAYLVGLFEDTNLCAIHAKRV
TIMPKDIQLARRIRGERA
;
A,E
2 'polypeptide(L)'
;VLRDNIQGITKPAIRRLARRGGVKRISGLIYEETRGVLKVFLENVIRDAVTYTEHAKRKTVTAMDVVYALKRQGRTLYGF
GG
;
B
3 'polypeptide(L)'
;KAKTRSSRAGLQFPVGRVHRLLRKGNYSERVGAGAPVYLAAVLEYLTAEILELAGNAARDNKKTRIIPRHLQLAIRNDEE
LNKLLGRVTIAQGGVLPNIQAVLLPKK
;
C,G
4 'polypeptide(L)'
;RSRKESYSIYVYKVLKQVHPDTGISSKAMGIMNSFVNDIFERIAGEASRLAHYNKRSTITSREIQTAVRLLLPGELAKHA
VSEGTKAVTKYTSAK
;
D,H
5 'polypeptide(L)'
;KRHRKVLRDNIQGITKPAIRRLARRGGVKRISGLIYEETRGVLKVFLENVIRDAVTYTEHAKRKTVTAMDVVYALKRQGR
TLYGFGG
;
F
6 'polydeoxyribonucleotide'
;(DA)(DT)(DC)(DA)(DA)(DT)(DA)(DT)(DC)(DC)(DA)(DC)(DC)(DT)(DG)(DC)(DA)(DG)(DA)(DT)
(DA)(DC)(DT)(DA)(DC)(DC)(DA)(DA)(DA)(DA)(DG)(DT)(DG)(DT)(DA)(DT)(DT)(DT)(DG)(DG)
(DA)(DA)(DA)(DC)(DT)(DG)(DC)(DT)(DC)(DC)(DA)(DT)(DC)(DA)(DA)(DA)(DA)(DG)(DG)(DC)
(DA)(DT)(DG)(DT)(DT)(DC)(DA)(DG)(DC)(DT)(DG)(DA)(DA)(DT)(DC)(DA)(DG)(DC)(DT)(DG)
(DA)(DA)(DC)(DA)(DT)(DG)(DC)(DC)(DT)(DT)(DT)(DT)(DG)(DA)(DT)(DG)(DG)(DA)(DG)(DC)
(DA)(DG)(DT)(DT)(DT)(DC)(DC)(DA)(DA)(DA)(DT)(DA)(DC)(DA)(DC)(DT)(DT)(DT)(DT)(DG)
(DG)(DT)(DA)(DG)(DT)(DA)(DT)(DC)(DT)(DG)(DC)(DA)(DG)(DG)(DT)(DG)(DG)(DA)(DT)(DA)
(DT)(DT)(DG)(DA)(DT)
;
I
7 'polydeoxyribonucleotide'
;(DA)(DT)(DC)(DA)(DA)(DT)(DA)(DT)(DC)(DC)(DA)(DC)(DC)(DT)(DG)(DC)(DA)(DG)(DA)(DT)
(DA)(DC)(DT)(DA)(DC)(DC)(DA)(DA)(DA)(DA)(DG)(DT)(DG)(DT)(DA)(DT)(DT)(DT)(DG)(DG)
(DA)(DA)(DA)(DC)(DT)(DG)(DC)(DT)(DC)(DC)(DA)(DT)(DC)(DA)(DA)(DA)(DA)(DG)(DG)(DC)
(DA)(DT)(DG)(DT)(DT)(DC)(DA)(DG)(DC)(DT)(DG)(DA)(DT)(DT)(DC)(DA)(DG)(DC)(DT)(DG)
(DA)(DA)(DC)(DA)(DT)(DG)(DC)(DC)(DT)(DT)(DT)(DT)(DG)(DA)(DT)(DG)(DG)(DA)(DG)(DC)
(DA)(DG)(DT)(DT)(DT)(DC)(DC)(DA)(DA)(DA)(DT)(DA)(DC)(DA)(DC)(DT)(DT)(DT)(DT)(DG)
(DG)(DT)(DA)(DG)(DT)(DA)(DT)(DC)(DT)(DG)(DC)(DA)(DG)(DG)(DT)(DG)(DG)(DA)(DT)(DA)
(DT)(DT)(DG)(DA)(DT)
;
J
#
# COMPACT_ATOMS: atom_id res chain seq x y z
N PRO A 1 22.16 -20.81 -47.14
CA PRO A 1 21.68 -20.95 -45.76
C PRO A 1 21.65 -19.61 -45.02
N HIS A 2 20.48 -19.20 -44.53
CA HIS A 2 20.29 -17.87 -43.94
C HIS A 2 20.21 -17.88 -42.41
N ARG A 3 20.72 -16.81 -41.79
CA ARG A 3 20.88 -16.73 -40.34
C ARG A 3 20.78 -15.29 -39.77
N TYR A 4 19.83 -15.06 -38.87
CA TYR A 4 19.71 -13.74 -38.20
C TYR A 4 20.73 -13.65 -37.06
N ARG A 5 21.29 -12.47 -36.84
CA ARG A 5 22.37 -12.28 -35.84
C ARG A 5 21.83 -12.28 -34.40
N PRO A 6 22.69 -12.62 -33.41
CA PRO A 6 22.27 -12.58 -31.99
C PRO A 6 21.67 -11.24 -31.64
N GLY A 7 20.44 -11.24 -31.14
CA GLY A 7 19.74 -9.98 -30.79
C GLY A 7 18.65 -9.53 -31.75
N THR A 8 18.77 -9.92 -33.03
CA THR A 8 17.81 -9.49 -34.05
C THR A 8 16.43 -10.11 -33.85
N VAL A 9 16.38 -11.40 -33.58
CA VAL A 9 15.10 -12.07 -33.31
C VAL A 9 14.58 -11.67 -31.90
N ALA A 10 15.48 -11.51 -30.94
CA ALA A 10 15.11 -11.10 -29.58
C ALA A 10 14.32 -9.78 -29.63
N LEU A 11 14.85 -8.78 -30.34
CA LEU A 11 14.15 -7.49 -30.58
C LEU A 11 12.79 -7.66 -31.25
N ARG A 12 12.74 -8.60 -32.20
CA ARG A 12 11.52 -8.90 -32.93
C ARG A 12 10.47 -9.42 -32.00
N GLU A 13 10.86 -10.35 -31.13
CA GLU A 13 9.94 -10.93 -30.15
C GLU A 13 9.45 -9.84 -29.16
N ILE A 14 10.35 -8.96 -28.73
CA ILE A 14 9.95 -7.86 -27.82
C ILE A 14 8.83 -7.07 -28.47
N ARG A 15 9.04 -6.67 -29.72
CA ARG A 15 8.03 -5.93 -30.48
C ARG A 15 6.74 -6.71 -30.60
N ARG A 16 6.85 -7.97 -30.98
CA ARG A 16 5.70 -8.82 -31.12
C ARG A 16 4.92 -8.98 -29.80
N TYR A 17 5.60 -9.36 -28.73
CA TYR A 17 4.91 -9.62 -27.47
C TYR A 17 4.41 -8.35 -26.74
N GLN A 18 5.03 -7.20 -26.99
CA GLN A 18 4.56 -5.94 -26.41
C GLN A 18 3.35 -5.38 -27.13
N LYS A 19 3.13 -5.82 -28.38
CA LYS A 19 1.93 -5.46 -29.15
C LYS A 19 0.70 -6.23 -28.68
N SER A 20 0.88 -7.49 -28.30
CA SER A 20 -0.21 -8.39 -27.98
C SER A 20 -0.52 -8.49 -26.48
N THR A 21 -1.65 -9.12 -26.18
CA THR A 21 -2.12 -9.33 -24.80
C THR A 21 -2.41 -10.76 -24.40
N GLU A 22 -2.23 -11.74 -25.32
CA GLU A 22 -2.46 -13.14 -24.96
C GLU A 22 -1.50 -13.56 -23.85
N LEU A 23 -2.03 -14.39 -22.96
CA LEU A 23 -1.25 -15.09 -21.96
C LEU A 23 -0.15 -15.92 -22.61
N LEU A 24 1.00 -15.98 -21.95
CA LEU A 24 2.24 -16.53 -22.48
C LEU A 24 2.74 -17.81 -21.83
N ILE A 25 2.14 -18.21 -20.72
CA ILE A 25 2.33 -19.53 -20.12
C ILE A 25 1.18 -20.41 -20.62
N ARG A 26 1.47 -21.68 -20.93
CA ARG A 26 0.44 -22.60 -21.43
C ARG A 26 -0.53 -22.88 -20.27
N LYS A 27 -1.81 -23.04 -20.58
CA LYS A 27 -2.85 -23.11 -19.55
C LYS A 27 -2.78 -24.32 -18.64
N LEU A 28 -2.72 -25.51 -19.21
CA LEU A 28 -2.78 -26.74 -18.41
C LEU A 28 -1.68 -26.80 -17.37
N PRO A 29 -0.39 -26.58 -17.78
CA PRO A 29 0.66 -26.62 -16.76
C PRO A 29 0.48 -25.60 -15.63
N PHE A 30 -0.06 -24.42 -15.95
CA PHE A 30 -0.32 -23.41 -14.93
C PHE A 30 -1.40 -23.89 -13.98
N GLN A 31 -2.50 -24.37 -14.56
CA GLN A 31 -3.60 -24.95 -13.78
C GLN A 31 -3.11 -26.04 -12.81
N ARG A 32 -2.28 -26.96 -13.30
CA ARG A 32 -1.68 -28.00 -12.43
C ARG A 32 -0.91 -27.41 -11.26
N LEU A 33 -0.08 -26.40 -11.54
CA LEU A 33 0.77 -25.79 -10.53
C LEU A 33 -0.08 -25.12 -9.46
N VAL A 34 -1.13 -24.43 -9.92
CA VAL A 34 -2.09 -23.80 -9.01
C VAL A 34 -2.72 -24.84 -8.09
N ARG A 35 -3.17 -25.96 -8.66
CA ARG A 35 -3.83 -27.02 -7.88
C ARG A 35 -2.90 -27.66 -6.87
N GLU A 36 -1.68 -27.96 -7.32
CA GLU A 36 -0.62 -28.47 -6.44
C GLU A 36 -0.44 -27.58 -5.21
N ILE A 37 -0.21 -26.28 -5.44
CA ILE A 37 0.10 -25.34 -4.33
C ILE A 37 -1.10 -25.25 -3.40
N ALA A 38 -2.28 -25.17 -4.00
CA ALA A 38 -3.52 -25.06 -3.24
C ALA A 38 -3.77 -26.29 -2.34
N GLN A 39 -3.36 -27.48 -2.83
CA GLN A 39 -3.47 -28.75 -2.08
C GLN A 39 -2.77 -28.73 -0.72
N ASP A 40 -1.65 -28.00 -0.59
CA ASP A 40 -0.99 -27.84 0.71
C ASP A 40 -1.77 -27.00 1.74
N PHE A 41 -2.74 -26.21 1.29
CA PHE A 41 -3.54 -25.38 2.20
C PHE A 41 -4.87 -26.03 2.52
N LYS A 42 -5.48 -26.67 1.52
CA LYS A 42 -6.69 -27.43 1.74
C LYS A 42 -6.88 -28.48 0.64
N THR A 43 -7.18 -29.71 1.05
CA THR A 43 -7.32 -30.83 0.11
C THR A 43 -8.71 -30.87 -0.49
N ASP A 44 -8.80 -31.50 -1.66
CA ASP A 44 -10.08 -31.75 -2.35
C ASP A 44 -10.78 -30.45 -2.80
N LEU A 45 -9.97 -29.49 -3.24
CA LEU A 45 -10.49 -28.20 -3.66
C LEU A 45 -10.88 -28.26 -5.12
N ARG A 46 -11.95 -27.57 -5.45
CA ARG A 46 -12.23 -27.25 -6.84
C ARG A 46 -11.95 -25.75 -7.03
N PHE A 47 -11.81 -25.37 -8.30
CA PHE A 47 -11.60 -23.98 -8.74
C PHE A 47 -12.62 -23.66 -9.81
N GLN A 48 -13.24 -22.49 -9.75
CA GLN A 48 -13.94 -21.96 -10.92
C GLN A 48 -12.93 -21.77 -12.04
N SER A 49 -13.40 -21.86 -13.28
CA SER A 49 -12.58 -21.58 -14.44
C SER A 49 -12.00 -20.15 -14.35
N SER A 50 -12.87 -19.19 -14.09
CA SER A 50 -12.47 -17.80 -13.95
C SER A 50 -11.47 -17.55 -12.80
N ALA A 51 -11.48 -18.38 -11.74
CA ALA A 51 -10.51 -18.25 -10.65
C ALA A 51 -9.08 -18.51 -11.13
N VAL A 52 -8.89 -19.62 -11.83
CA VAL A 52 -7.59 -19.94 -12.41
C VAL A 52 -7.13 -18.86 -13.40
N MET A 53 -8.03 -18.39 -14.26
CA MET A 53 -7.71 -17.34 -15.22
C MET A 53 -7.31 -16.01 -14.55
N ALA A 54 -8.05 -15.60 -13.52
CA ALA A 54 -7.67 -14.43 -12.73
C ALA A 54 -6.25 -14.60 -12.18
N LEU A 55 -5.99 -15.76 -11.59
CA LEU A 55 -4.66 -16.10 -11.10
C LEU A 55 -3.58 -16.00 -12.19
N GLN A 56 -3.87 -16.49 -13.40
CA GLN A 56 -2.86 -16.44 -14.46
C GLN A 56 -2.64 -15.01 -15.00
N GLU A 57 -3.72 -14.25 -15.16
CA GLU A 57 -3.57 -12.84 -15.55
C GLU A 57 -2.70 -12.11 -14.53
N ALA A 58 -3.00 -12.30 -13.24
CA ALA A 58 -2.31 -11.56 -12.16
C ALA A 58 -0.84 -11.94 -12.12
N CYS A 59 -0.61 -13.25 -12.21
CA CYS A 59 0.72 -13.80 -12.13
C CYS A 59 1.62 -13.37 -13.30
N GLU A 60 1.07 -13.38 -14.52
CA GLU A 60 1.84 -12.95 -15.69
C GLU A 60 2.09 -11.43 -15.71
N ALA A 61 1.09 -10.64 -15.35
CA ALA A 61 1.28 -9.18 -15.24
C ALA A 61 2.39 -8.82 -14.21
N TYR A 62 2.40 -9.51 -13.08
CA TYR A 62 3.43 -9.36 -12.07
C TYR A 62 4.81 -9.72 -12.63
N LEU A 63 4.94 -10.86 -13.32
CA LEU A 63 6.24 -11.28 -13.80
C LEU A 63 6.75 -10.36 -14.89
N VAL A 64 5.86 -9.87 -15.76
CA VAL A 64 6.26 -8.94 -16.83
C VAL A 64 6.82 -7.63 -16.21
N GLY A 65 6.09 -7.10 -15.23
CA GLY A 65 6.51 -5.90 -14.49
C GLY A 65 7.83 -6.10 -13.80
N LEU A 66 8.02 -7.26 -13.16
CA LEU A 66 9.26 -7.56 -12.48
C LEU A 66 10.42 -7.66 -13.48
N PHE A 67 10.18 -8.29 -14.64
CA PHE A 67 11.19 -8.30 -15.71
C PHE A 67 11.54 -6.90 -16.21
N GLU A 68 10.60 -5.95 -16.22
CA GLU A 68 10.95 -4.57 -16.58
C GLU A 68 11.94 -3.98 -15.56
N ASP A 69 11.63 -4.12 -14.28
CA ASP A 69 12.52 -3.59 -13.21
C ASP A 69 13.87 -4.30 -13.21
N THR A 70 13.82 -5.61 -13.41
CA THR A 70 15.02 -6.45 -13.56
C THR A 70 15.92 -5.94 -14.69
N ASN A 71 15.30 -5.64 -15.82
CA ASN A 71 15.99 -5.09 -16.97
C ASN A 71 16.67 -3.76 -16.68
N LEU A 72 15.98 -2.87 -15.98
CA LEU A 72 16.56 -1.62 -15.50
C LEU A 72 17.78 -1.80 -14.57
N CYS A 73 17.74 -2.80 -13.68
CA CYS A 73 18.88 -3.17 -12.84
C CYS A 73 20.07 -3.74 -13.64
N ALA A 74 19.80 -4.56 -14.63
CA ALA A 74 20.88 -5.03 -15.54
C ALA A 74 21.53 -3.87 -16.29
N ILE A 75 20.68 -3.02 -16.86
CA ILE A 75 21.15 -1.83 -17.56
C ILE A 75 21.93 -0.87 -16.64
N HIS A 76 21.47 -0.72 -15.40
CA HIS A 76 22.18 0.12 -14.42
C HIS A 76 23.63 -0.30 -14.20
N ALA A 77 23.86 -1.61 -14.19
CA ALA A 77 25.21 -2.20 -14.09
C ALA A 77 25.94 -2.34 -15.44
N LYS A 78 25.47 -1.61 -16.46
CA LYS A 78 26.08 -1.55 -17.80
C LYS A 78 26.09 -2.89 -18.52
N ARG A 79 25.07 -3.71 -18.27
CA ARG A 79 24.83 -4.96 -18.98
C ARG A 79 23.54 -4.86 -19.79
N VAL A 80 23.34 -5.83 -20.67
CA VAL A 80 22.09 -5.98 -21.41
C VAL A 80 21.48 -7.34 -21.16
N THR A 81 22.12 -8.10 -20.28
CA THR A 81 21.75 -9.46 -19.96
C THR A 81 21.24 -9.47 -18.54
N ILE A 82 19.99 -9.91 -18.37
CA ILE A 82 19.42 -10.06 -17.03
C ILE A 82 19.98 -11.31 -16.34
N MET A 83 20.24 -11.16 -15.03
CA MET A 83 20.83 -12.20 -14.19
C MET A 83 20.02 -12.30 -12.89
N PRO A 84 20.16 -13.43 -12.15
CA PRO A 84 19.46 -13.58 -10.87
C PRO A 84 19.66 -12.39 -9.92
N LYS A 85 20.87 -11.86 -9.87
CA LYS A 85 21.13 -10.72 -8.99
C LYS A 85 20.30 -9.47 -9.36
N ASP A 86 19.90 -9.34 -10.62
CA ASP A 86 19.05 -8.22 -11.05
C ASP A 86 17.63 -8.39 -10.54
N ILE A 87 17.10 -9.62 -10.67
CA ILE A 87 15.78 -9.96 -10.13
C ILE A 87 15.80 -9.73 -8.62
N GLN A 88 16.88 -10.19 -7.99
CA GLN A 88 17.04 -10.05 -6.56
C GLN A 88 17.11 -8.58 -6.13
N LEU A 89 17.91 -7.75 -6.78
CA LEU A 89 17.87 -6.33 -6.43
C LEU A 89 16.48 -5.70 -6.58
N ALA A 90 15.78 -6.03 -7.67
CA ALA A 90 14.46 -5.43 -7.96
C ALA A 90 13.46 -5.80 -6.88
N ARG A 91 13.48 -7.06 -6.46
CA ARG A 91 12.62 -7.53 -5.40
C ARG A 91 12.92 -6.87 -4.05
N ARG A 92 14.19 -6.69 -3.74
CA ARG A 92 14.60 -6.07 -2.48
C ARG A 92 14.10 -4.62 -2.39
N ILE A 93 14.28 -3.87 -3.45
CA ILE A 93 13.91 -2.43 -3.47
C ILE A 93 12.39 -2.26 -3.51
N ARG A 94 11.69 -3.21 -4.14
CA ARG A 94 10.22 -3.26 -4.11
C ARG A 94 9.67 -3.50 -2.70
N GLY A 95 10.48 -4.06 -1.81
CA GLY A 95 10.03 -4.43 -0.47
C GLY A 95 9.40 -5.81 -0.45
N GLU A 96 9.63 -6.61 -1.50
CA GLU A 96 9.09 -7.99 -1.51
C GLU A 96 9.93 -8.93 -0.65
N ARG A 97 11.10 -8.46 -0.22
CA ARG A 97 11.92 -9.21 0.73
C ARG A 97 13.13 -8.39 1.20
N ALA A 98 13.89 -8.96 2.15
CA ALA A 98 15.24 -8.49 2.61
C ALA A 98 15.36 -7.00 2.98
N VAL B 1 7.21 -40.60 -18.29
CA VAL B 1 8.10 -39.39 -18.27
C VAL B 1 7.55 -38.34 -17.28
N LEU B 2 7.61 -38.66 -16.00
CA LEU B 2 7.18 -37.75 -14.93
C LEU B 2 8.10 -36.54 -14.83
N ARG B 3 7.52 -35.35 -14.62
CA ARG B 3 8.28 -34.12 -14.45
C ARG B 3 7.56 -33.18 -13.48
N ASP B 4 8.33 -32.45 -12.68
CA ASP B 4 7.78 -31.50 -11.70
C ASP B 4 6.81 -30.51 -12.33
N ASN B 5 5.73 -30.19 -11.63
CA ASN B 5 4.75 -29.22 -12.13
C ASN B 5 5.36 -27.82 -12.37
N ILE B 6 6.18 -27.33 -11.43
CA ILE B 6 6.91 -26.05 -11.62
C ILE B 6 7.68 -25.99 -12.95
N GLN B 7 8.25 -27.13 -13.37
CA GLN B 7 9.00 -27.20 -14.62
C GLN B 7 8.12 -27.12 -15.86
N GLY B 8 6.82 -27.33 -15.69
CA GLY B 8 5.83 -27.00 -16.72
C GLY B 8 5.72 -25.52 -17.08
N ILE B 9 6.35 -24.67 -16.26
CA ILE B 9 6.63 -23.28 -16.62
C ILE B 9 7.97 -23.32 -17.32
N THR B 10 7.92 -23.36 -18.64
CA THR B 10 9.06 -23.74 -19.45
C THR B 10 9.90 -22.53 -19.84
N LYS B 11 11.15 -22.79 -20.19
CA LYS B 11 12.10 -21.77 -20.64
C LYS B 11 11.54 -20.85 -21.72
N PRO B 12 10.91 -21.41 -22.77
CA PRO B 12 10.29 -20.55 -23.78
C PRO B 12 9.18 -19.64 -23.26
N ALA B 13 8.35 -20.12 -22.35
CA ALA B 13 7.25 -19.33 -21.78
C ALA B 13 7.79 -18.19 -20.89
N ILE B 14 8.81 -18.49 -20.10
CA ILE B 14 9.51 -17.49 -19.27
C ILE B 14 10.20 -16.45 -20.15
N ARG B 15 10.82 -16.93 -21.21
CA ARG B 15 11.40 -16.06 -22.23
C ARG B 15 10.37 -15.09 -22.82
N ARG B 16 9.16 -15.59 -23.14
CA ARG B 16 8.07 -14.73 -23.66
C ARG B 16 7.67 -13.63 -22.66
N LEU B 17 7.53 -14.00 -21.38
CA LEU B 17 7.22 -13.02 -20.33
C LEU B 17 8.28 -11.92 -20.29
N ALA B 18 9.55 -12.33 -20.32
CA ALA B 18 10.66 -11.41 -20.33
C ALA B 18 10.63 -10.46 -21.53
N ARG B 19 10.28 -11.01 -22.70
CA ARG B 19 10.21 -10.23 -23.92
C ARG B 19 9.15 -9.14 -23.80
N ARG B 20 7.98 -9.48 -23.26
CA ARG B 20 6.94 -8.49 -23.01
C ARG B 20 7.41 -7.43 -21.98
N GLY B 21 8.29 -7.85 -21.07
CA GLY B 21 9.00 -6.91 -20.18
C GLY B 21 10.18 -6.14 -20.76
N GLY B 22 10.44 -6.29 -22.07
CA GLY B 22 11.48 -5.55 -22.78
C GLY B 22 12.90 -6.08 -22.68
N VAL B 23 13.03 -7.33 -22.27
CA VAL B 23 14.34 -7.98 -22.07
C VAL B 23 14.88 -8.59 -23.38
N LYS B 24 16.11 -8.22 -23.74
CA LYS B 24 16.78 -8.63 -24.97
C LYS B 24 17.65 -9.90 -24.80
N ARG B 25 18.27 -10.06 -23.64
CA ARG B 25 19.25 -11.13 -23.39
C ARG B 25 19.11 -11.65 -21.96
N ILE B 26 19.14 -12.99 -21.81
CA ILE B 26 18.73 -13.69 -20.60
C ILE B 26 19.77 -14.74 -20.18
N SER B 27 20.27 -14.66 -18.95
CA SER B 27 21.19 -15.66 -18.42
C SER B 27 20.48 -16.97 -18.18
N GLY B 28 21.20 -18.08 -18.38
CA GLY B 28 20.63 -19.42 -18.16
C GLY B 28 20.07 -19.64 -16.78
N LEU B 29 20.63 -18.96 -15.78
CA LEU B 29 20.16 -19.06 -14.40
C LEU B 29 18.79 -18.38 -14.11
N ILE B 30 18.31 -17.54 -15.02
CA ILE B 30 17.03 -16.81 -14.86
C ILE B 30 15.84 -17.75 -14.74
N TYR B 31 15.86 -18.88 -15.46
CA TYR B 31 14.68 -19.74 -15.55
C TYR B 31 14.32 -20.32 -14.22
N GLU B 32 15.32 -20.84 -13.49
CA GLU B 32 15.06 -21.38 -12.15
C GLU B 32 14.74 -20.28 -11.13
N GLU B 33 15.47 -19.18 -11.19
CA GLU B 33 15.16 -17.99 -10.35
C GLU B 33 13.71 -17.54 -10.54
N THR B 34 13.25 -17.46 -11.80
CA THR B 34 11.89 -17.01 -12.11
C THR B 34 10.84 -17.98 -11.58
N ARG B 35 11.11 -19.29 -11.73
CA ARG B 35 10.25 -20.30 -11.15
C ARG B 35 10.08 -20.15 -9.65
N GLY B 36 11.17 -19.88 -8.92
CA GLY B 36 11.06 -19.64 -7.47
C GLY B 36 10.20 -18.43 -7.07
N VAL B 37 10.33 -17.37 -7.84
CA VAL B 37 9.59 -16.13 -7.62
C VAL B 37 8.11 -16.36 -7.91
N LEU B 38 7.82 -16.98 -9.05
CA LEU B 38 6.46 -17.35 -9.41
C LEU B 38 5.77 -18.17 -8.32
N LYS B 39 6.51 -19.12 -7.76
CA LYS B 39 5.95 -20.02 -6.75
C LYS B 39 5.58 -19.26 -5.47
N VAL B 40 6.46 -18.35 -5.04
CA VAL B 40 6.19 -17.51 -3.89
C VAL B 40 4.96 -16.65 -4.15
N PHE B 41 4.89 -16.03 -5.32
CA PHE B 41 3.71 -15.24 -5.71
C PHE B 41 2.43 -16.09 -5.62
N LEU B 42 2.46 -17.28 -6.22
CA LEU B 42 1.28 -18.15 -6.20
C LEU B 42 0.93 -18.61 -4.81
N GLU B 43 1.93 -19.02 -4.03
CA GLU B 43 1.71 -19.36 -2.63
C GLU B 43 0.98 -18.28 -1.84
N ASN B 44 1.48 -17.05 -1.92
CA ASN B 44 0.93 -15.95 -1.12
C ASN B 44 -0.51 -15.64 -1.51
N VAL B 45 -0.78 -15.60 -2.82
CA VAL B 45 -2.09 -15.23 -3.30
C VAL B 45 -3.08 -16.40 -3.05
N ILE B 46 -2.67 -17.63 -3.37
CA ILE B 46 -3.54 -18.82 -3.15
C ILE B 46 -3.87 -19.05 -1.68
N ARG B 47 -2.87 -18.91 -0.81
CA ARG B 47 -3.12 -19.00 0.63
C ARG B 47 -4.29 -18.08 1.07
N ASP B 48 -4.25 -16.82 0.66
CA ASP B 48 -5.30 -15.87 1.02
C ASP B 48 -6.62 -16.25 0.34
N ALA B 49 -6.57 -16.64 -0.94
CA ALA B 49 -7.77 -17.07 -1.67
C ALA B 49 -8.47 -18.23 -0.93
N VAL B 50 -7.69 -19.24 -0.57
CA VAL B 50 -8.21 -20.43 0.12
C VAL B 50 -8.71 -20.10 1.51
N THR B 51 -8.07 -19.12 2.17
CA THR B 51 -8.55 -18.64 3.46
C THR B 51 -9.93 -18.02 3.35
N TYR B 52 -10.19 -17.30 2.25
CA TYR B 52 -11.55 -16.80 2.00
C TYR B 52 -12.51 -17.94 1.66
N THR B 53 -12.04 -18.91 0.88
CA THR B 53 -12.86 -20.10 0.57
C THR B 53 -13.33 -20.77 1.86
N GLU B 54 -12.36 -21.14 2.71
CA GLU B 54 -12.63 -21.80 3.98
C GLU B 54 -13.57 -20.99 4.84
N HIS B 55 -13.39 -19.67 4.88
CA HIS B 55 -14.28 -18.84 5.65
C HIS B 55 -15.73 -18.88 5.14
N ALA B 56 -15.91 -18.97 3.83
CA ALA B 56 -17.26 -19.08 3.25
C ALA B 56 -17.80 -20.51 3.30
N LYS B 57 -17.07 -21.45 3.91
CA LYS B 57 -17.46 -22.85 4.04
C LYS B 57 -17.69 -23.50 2.68
N ARG B 58 -16.76 -23.25 1.76
CA ARG B 58 -16.87 -23.74 0.40
C ARG B 58 -15.75 -24.71 0.13
N LYS B 59 -15.90 -25.49 -0.94
CA LYS B 59 -14.84 -26.38 -1.42
C LYS B 59 -14.37 -25.96 -2.80
N THR B 60 -14.87 -24.82 -3.27
CA THR B 60 -14.54 -24.28 -4.58
C THR B 60 -13.98 -22.86 -4.40
N VAL B 61 -12.78 -22.66 -4.93
CA VAL B 61 -12.15 -21.35 -4.93
C VAL B 61 -12.83 -20.56 -6.03
N THR B 62 -13.44 -19.43 -5.68
CA THR B 62 -14.08 -18.58 -6.69
C THR B 62 -13.14 -17.50 -7.22
N ALA B 63 -13.52 -16.92 -8.35
CA ALA B 63 -12.82 -15.75 -8.90
C ALA B 63 -12.78 -14.65 -7.86
N MET B 64 -13.89 -14.42 -7.15
CA MET B 64 -13.91 -13.43 -6.08
C MET B 64 -12.91 -13.72 -4.93
N ASP B 65 -12.74 -15.00 -4.55
CA ASP B 65 -11.69 -15.35 -3.56
C ASP B 65 -10.30 -14.87 -4.04
N VAL B 66 -10.03 -15.05 -5.32
CA VAL B 66 -8.74 -14.70 -5.90
C VAL B 66 -8.63 -13.16 -5.97
N VAL B 67 -9.70 -12.51 -6.43
CA VAL B 67 -9.77 -11.06 -6.54
C VAL B 67 -9.53 -10.40 -5.19
N TYR B 68 -10.16 -10.90 -4.13
CA TYR B 68 -9.99 -10.31 -2.80
C TYR B 68 -8.57 -10.55 -2.30
N ALA B 69 -8.03 -11.72 -2.60
CA ALA B 69 -6.66 -12.09 -2.22
C ALA B 69 -5.65 -11.12 -2.85
N LEU B 70 -5.78 -10.96 -4.16
CA LEU B 70 -4.93 -10.07 -4.92
C LEU B 70 -4.99 -8.63 -4.41
N LYS B 71 -6.19 -8.16 -4.10
CA LYS B 71 -6.40 -6.81 -3.57
C LYS B 71 -5.64 -6.60 -2.28
N ARG B 72 -5.77 -7.51 -1.31
CA ARG B 72 -5.05 -7.33 -0.04
C ARG B 72 -3.54 -7.57 -0.15
N GLN B 73 -3.10 -8.27 -1.17
CA GLN B 73 -1.68 -8.43 -1.47
C GLN B 73 -1.11 -7.22 -2.27
N GLY B 74 -1.90 -6.16 -2.50
CA GLY B 74 -1.45 -4.99 -3.26
C GLY B 74 -1.28 -5.23 -4.78
N ARG B 75 -2.01 -6.23 -5.31
CA ARG B 75 -1.99 -6.60 -6.72
C ARG B 75 -3.41 -6.53 -7.33
N THR B 76 -4.17 -5.48 -7.04
CA THR B 76 -5.55 -5.30 -7.53
C THR B 76 -5.69 -5.65 -9.00
N LEU B 77 -6.68 -6.52 -9.30
CA LEU B 77 -6.95 -6.99 -10.64
C LEU B 77 -8.36 -6.58 -11.03
N TYR B 78 -8.49 -5.98 -12.20
CA TYR B 78 -9.76 -5.55 -12.76
C TYR B 78 -10.14 -6.58 -13.81
N GLY B 79 -11.45 -6.83 -13.89
CA GLY B 79 -12.04 -7.67 -14.93
C GLY B 79 -12.61 -9.02 -14.49
N PHE B 80 -12.54 -9.37 -13.22
CA PHE B 80 -13.03 -10.67 -12.77
C PHE B 80 -14.03 -10.52 -11.63
N GLY B 81 -14.68 -9.36 -11.55
CA GLY B 81 -15.67 -9.09 -10.51
C GLY B 81 -15.14 -8.19 -9.42
N GLY B 82 -16.05 -7.75 -8.55
CA GLY B 82 -15.74 -6.92 -7.39
C GLY B 82 -15.48 -5.46 -7.74
N LYS C 1 -21.37 -8.51 42.99
CA LYS C 1 -20.61 -9.48 42.13
C LYS C 1 -20.56 -9.05 40.66
N ALA C 2 -20.28 -7.76 40.43
CA ALA C 2 -20.04 -7.26 39.09
C ALA C 2 -18.68 -7.80 38.65
N LYS C 3 -18.66 -8.69 37.66
CA LYS C 3 -17.42 -9.20 37.08
C LYS C 3 -17.17 -8.53 35.73
N THR C 4 -15.93 -8.12 35.49
CA THR C 4 -15.53 -7.57 34.18
C THR C 4 -15.46 -8.72 33.19
N ARG C 5 -15.70 -8.40 31.92
CA ARG C 5 -15.59 -9.40 30.85
C ARG C 5 -14.13 -9.81 30.59
N SER C 6 -13.23 -8.88 30.84
CA SER C 6 -11.80 -9.19 30.84
C SER C 6 -11.48 -10.28 31.88
N SER C 7 -11.92 -10.11 33.13
CA SER C 7 -11.72 -11.13 34.18
C SER C 7 -12.36 -12.46 33.81
N ARG C 8 -13.58 -12.42 33.26
CA ARG C 8 -14.23 -13.64 32.79
C ARG C 8 -13.42 -14.34 31.72
N ALA C 9 -12.88 -13.57 30.77
CA ALA C 9 -12.10 -14.16 29.65
C ALA C 9 -10.64 -14.50 29.97
N GLY C 10 -10.13 -14.00 31.10
CA GLY C 10 -8.76 -14.28 31.55
C GLY C 10 -7.73 -13.28 31.01
N LEU C 11 -8.16 -12.04 30.80
CA LEU C 11 -7.38 -11.06 30.02
C LEU C 11 -7.03 -9.83 30.82
N GLN C 12 -5.86 -9.26 30.52
CA GLN C 12 -5.47 -7.96 31.02
C GLN C 12 -6.08 -6.83 30.18
N PHE C 13 -6.19 -7.05 28.87
CA PHE C 13 -6.73 -6.04 27.96
C PHE C 13 -8.25 -5.87 28.14
N PRO C 14 -8.77 -4.65 27.94
CA PRO C 14 -10.16 -4.29 28.26
C PRO C 14 -11.17 -4.75 27.24
N VAL C 15 -11.97 -5.75 27.57
CA VAL C 15 -12.94 -6.31 26.60
C VAL C 15 -14.05 -5.32 26.28
N GLY C 16 -14.54 -4.62 27.32
CA GLY C 16 -15.61 -3.64 27.15
C GLY C 16 -15.19 -2.52 26.23
N ARG C 17 -14.00 -2.00 26.45
CA ARG C 17 -13.43 -0.99 25.58
C ARG C 17 -13.38 -1.42 24.12
N VAL C 18 -12.84 -2.62 23.90
CA VAL C 18 -12.72 -3.16 22.56
C VAL C 18 -14.09 -3.36 21.91
N HIS C 19 -15.08 -3.82 22.67
CA HIS C 19 -16.45 -3.95 22.16
C HIS C 19 -16.99 -2.61 21.65
N ARG C 20 -16.80 -1.57 22.46
CA ARG C 20 -17.26 -0.25 22.13
C ARG C 20 -16.52 0.36 20.93
N LEU C 21 -15.19 0.18 20.87
CA LEU C 21 -14.42 0.66 19.74
C LEU C 21 -14.88 -0.01 18.44
N LEU C 22 -15.18 -1.31 18.50
CA LEU C 22 -15.78 -2.01 17.34
C LEU C 22 -17.17 -1.48 16.94
N ARG C 23 -17.97 -1.10 17.93
CA ARG C 23 -19.32 -0.55 17.69
C ARG C 23 -19.25 0.86 17.07
N LYS C 24 -18.44 1.74 17.66
CA LYS C 24 -18.30 3.11 17.16
C LYS C 24 -17.50 3.22 15.85
N GLY C 25 -16.80 2.16 15.44
CA GLY C 25 -15.96 2.18 14.25
C GLY C 25 -16.64 1.91 12.93
N ASN C 26 -17.93 1.59 12.96
CA ASN C 26 -18.71 1.31 11.74
C ASN C 26 -18.06 0.19 10.93
N TYR C 27 -17.79 -0.91 11.59
CA TYR C 27 -17.21 -2.06 10.92
C TYR C 27 -18.30 -2.97 10.40
N SER C 28 -19.42 -3.04 11.14
CA SER C 28 -20.55 -3.91 10.82
C SER C 28 -21.78 -3.44 11.59
N GLU C 29 -22.98 -3.88 11.17
CA GLU C 29 -24.23 -3.57 11.89
C GLU C 29 -24.15 -4.11 13.32
N ARG C 30 -23.78 -5.38 13.41
CA ARG C 30 -23.77 -6.10 14.67
C ARG C 30 -22.39 -6.61 15.02
N VAL C 31 -22.12 -6.75 16.31
CA VAL C 31 -20.87 -7.31 16.82
C VAL C 31 -21.21 -8.46 17.77
N GLY C 32 -20.73 -9.65 17.45
CA GLY C 32 -20.87 -10.82 18.31
C GLY C 32 -20.17 -10.66 19.66
N ALA C 33 -20.64 -11.43 20.63
CA ALA C 33 -20.13 -11.36 22.01
C ALA C 33 -18.69 -11.88 22.13
N GLY C 34 -18.36 -12.92 21.36
CA GLY C 34 -16.98 -13.42 21.27
C GLY C 34 -15.97 -12.45 20.63
N ALA C 35 -16.43 -11.64 19.67
CA ALA C 35 -15.53 -10.80 18.86
C ALA C 35 -14.57 -9.94 19.65
N PRO C 36 -15.07 -9.10 20.59
CA PRO C 36 -14.13 -8.27 21.33
C PRO C 36 -13.22 -9.04 22.29
N VAL C 37 -13.69 -10.22 22.72
CA VAL C 37 -12.90 -11.11 23.57
C VAL C 37 -11.74 -11.66 22.76
N TYR C 38 -12.04 -12.25 21.61
CA TYR C 38 -10.99 -12.78 20.73
C TYR C 38 -9.98 -11.65 20.35
N LEU C 39 -10.49 -10.44 20.09
CA LEU C 39 -9.64 -9.37 19.57
C LEU C 39 -8.76 -8.80 20.66
N ALA C 40 -9.32 -8.56 21.84
CA ALA C 40 -8.52 -8.10 22.98
C ALA C 40 -7.40 -9.09 23.33
N ALA C 41 -7.68 -10.38 23.15
CA ALA C 41 -6.71 -11.40 23.45
C ALA C 41 -5.55 -11.35 22.47
N VAL C 42 -5.88 -11.23 21.18
CA VAL C 42 -4.87 -11.11 20.12
C VAL C 42 -3.99 -9.88 20.35
N LEU C 43 -4.62 -8.75 20.66
CA LEU C 43 -3.90 -7.51 20.89
C LEU C 43 -3.01 -7.64 22.10
N GLU C 44 -3.52 -8.28 23.14
CA GLU C 44 -2.73 -8.56 24.34
C GLU C 44 -1.54 -9.46 24.03
N TYR C 45 -1.78 -10.54 23.28
CA TYR C 45 -0.72 -11.47 22.92
C TYR C 45 0.42 -10.75 22.18
N LEU C 46 0.07 -9.95 21.16
CA LEU C 46 1.07 -9.22 20.39
C LEU C 46 1.82 -8.21 21.25
N THR C 47 1.15 -7.54 22.19
CA THR C 47 1.86 -6.58 23.01
C THR C 47 2.83 -7.30 23.97
N ALA C 48 2.46 -8.48 24.47
CA ALA C 48 3.37 -9.29 25.30
C ALA C 48 4.59 -9.73 24.50
N GLU C 49 4.35 -10.18 23.27
CA GLU C 49 5.43 -10.57 22.36
C GLU C 49 6.46 -9.46 22.15
N ILE C 50 5.97 -8.25 21.85
CA ILE C 50 6.83 -7.10 21.65
C ILE C 50 7.58 -6.68 22.92
N LEU C 51 6.87 -6.58 24.04
CA LEU C 51 7.48 -6.18 25.33
C LEU C 51 8.49 -7.19 25.85
N GLU C 52 8.26 -8.48 25.63
CA GLU C 52 9.30 -9.49 26.00
C GLU C 52 10.62 -9.20 25.27
N LEU C 53 10.55 -9.07 23.94
CA LEU C 53 11.74 -8.81 23.13
C LEU C 53 12.34 -7.45 23.41
N ALA C 54 11.49 -6.43 23.60
CA ALA C 54 12.03 -5.09 23.87
C ALA C 54 12.71 -5.00 25.26
N GLY C 55 12.10 -5.66 26.25
CA GLY C 55 12.74 -5.76 27.56
C GLY C 55 14.09 -6.42 27.46
N ASN C 56 14.22 -7.46 26.64
CA ASN C 56 15.52 -8.08 26.42
C ASN C 56 16.54 -7.12 25.83
N ALA C 57 16.13 -6.35 24.82
CA ALA C 57 17.03 -5.35 24.23
C ALA C 57 17.41 -4.29 25.27
N ALA C 58 16.47 -3.90 26.13
CA ALA C 58 16.77 -2.96 27.21
C ALA C 58 17.83 -3.55 28.16
N ARG C 59 17.59 -4.76 28.66
CA ARG C 59 18.59 -5.49 29.47
C ARG C 59 19.94 -5.60 28.75
N ASP C 60 19.95 -6.02 27.49
CA ASP C 60 21.22 -6.09 26.73
C ASP C 60 22.01 -4.76 26.73
N ASN C 61 21.31 -3.62 26.70
CA ASN C 61 21.94 -2.30 26.68
C ASN C 61 22.12 -1.76 28.09
N LYS C 62 22.06 -2.64 29.09
CA LYS C 62 22.22 -2.31 30.51
C LYS C 62 21.24 -1.22 30.99
N LYS C 63 20.01 -1.29 30.49
CA LYS C 63 18.95 -0.36 30.85
C LYS C 63 17.79 -1.09 31.48
N THR C 64 17.11 -0.37 32.36
CA THR C 64 15.90 -0.77 33.08
C THR C 64 14.61 -0.23 32.45
N ARG C 65 14.73 0.84 31.65
CA ARG C 65 13.58 1.46 31.04
C ARG C 65 13.60 1.24 29.51
N ILE C 66 12.53 0.63 29.01
CA ILE C 66 12.32 0.43 27.57
C ILE C 66 12.13 1.82 26.90
N ILE C 67 12.91 2.11 25.88
CA ILE C 67 12.77 3.35 25.07
C ILE C 67 12.46 2.94 23.64
N PRO C 68 12.12 3.92 22.76
CA PRO C 68 11.80 3.52 21.39
C PRO C 68 12.87 2.74 20.65
N ARG C 69 14.14 3.05 20.87
CA ARG C 69 15.23 2.28 20.29
C ARG C 69 15.09 0.78 20.60
N HIS C 70 14.71 0.43 21.83
CA HIS C 70 14.62 -1.00 22.22
C HIS C 70 13.47 -1.65 21.49
N LEU C 71 12.38 -0.90 21.34
CA LEU C 71 11.25 -1.38 20.51
C LEU C 71 11.68 -1.63 19.05
N GLN C 72 12.45 -0.71 18.49
CA GLN C 72 12.93 -0.87 17.12
C GLN C 72 13.86 -2.09 16.96
N LEU C 73 14.81 -2.24 17.86
CA LEU C 73 15.70 -3.40 17.82
C LEU C 73 14.96 -4.72 17.94
N ALA C 74 13.95 -4.75 18.80
CA ALA C 74 13.13 -5.95 18.98
C ALA C 74 12.36 -6.32 17.72
N ILE C 75 11.66 -5.34 17.18
CA ILE C 75 10.85 -5.52 15.98
C ILE C 75 11.72 -5.87 14.79
N ARG C 76 12.80 -5.13 14.57
CA ARG C 76 13.56 -5.34 13.33
C ARG C 76 14.44 -6.60 13.39
N ASN C 77 14.80 -7.07 14.58
CA ASN C 77 15.56 -8.31 14.69
C ASN C 77 14.67 -9.56 14.71
N ASP C 78 13.34 -9.39 14.77
CA ASP C 78 12.41 -10.52 14.72
C ASP C 78 11.74 -10.56 13.34
N GLU C 79 11.92 -11.68 12.62
CA GLU C 79 11.47 -11.79 11.23
C GLU C 79 9.98 -11.48 11.07
N GLU C 80 9.18 -12.04 11.96
CA GLU C 80 7.73 -11.91 11.85
C GLU C 80 7.19 -10.54 12.23
N LEU C 81 7.70 -9.95 13.30
CA LEU C 81 7.28 -8.62 13.69
C LEU C 81 7.74 -7.59 12.66
N ASN C 82 8.95 -7.78 12.15
CA ASN C 82 9.44 -6.97 11.05
C ASN C 82 8.54 -7.00 9.80
N LYS C 83 8.04 -8.17 9.44
CA LYS C 83 7.07 -8.27 8.35
C LYS C 83 5.72 -7.62 8.69
N LEU C 84 5.18 -7.91 9.88
CA LEU C 84 3.93 -7.26 10.31
C LEU C 84 4.03 -5.75 10.32
N LEU C 85 5.18 -5.23 10.77
CA LEU C 85 5.41 -3.78 10.84
C LEU C 85 6.33 -3.24 9.72
N GLY C 86 6.32 -3.88 8.55
CA GLY C 86 7.27 -3.52 7.47
C GLY C 86 7.05 -2.13 6.86
N ARG C 87 5.84 -1.59 6.97
CA ARG C 87 5.53 -0.26 6.46
C ARG C 87 5.24 0.71 7.61
N VAL C 88 5.87 0.51 8.75
CA VAL C 88 5.68 1.37 9.90
C VAL C 88 7.01 1.98 10.30
N THR C 89 7.00 3.26 10.69
CA THR C 89 8.14 3.99 11.25
C THR C 89 7.97 4.18 12.75
N ILE C 90 8.96 3.73 13.52
CA ILE C 90 9.01 3.93 14.94
C ILE C 90 9.82 5.18 15.17
N ALA C 91 9.16 6.23 15.65
CA ALA C 91 9.82 7.50 15.93
C ALA C 91 10.88 7.28 16.98
N GLN C 92 12.06 7.89 16.78
CA GLN C 92 13.23 7.76 17.67
C GLN C 92 13.73 6.31 17.79
N GLY C 93 13.47 5.54 16.74
CA GLY C 93 13.89 4.15 16.66
C GLY C 93 15.27 3.95 16.11
N GLY C 94 15.72 4.84 15.21
CA GLY C 94 16.95 4.57 14.47
C GLY C 94 16.86 3.35 13.56
N VAL C 95 18.00 2.83 13.16
CA VAL C 95 18.07 1.65 12.31
C VAL C 95 18.97 0.61 12.96
N LEU C 96 18.93 -0.62 12.43
CA LEU C 96 19.92 -1.64 12.84
C LEU C 96 21.32 -1.35 12.29
N PRO C 97 22.36 -1.56 13.12
CA PRO C 97 23.72 -1.52 12.57
C PRO C 97 23.88 -2.52 11.45
N ASN C 98 24.36 -2.07 10.30
CA ASN C 98 24.48 -2.89 9.13
C ASN C 98 25.30 -2.15 8.09
N ILE C 99 26.46 -2.71 7.79
CA ILE C 99 27.41 -2.16 6.83
C ILE C 99 27.57 -3.23 5.76
N GLN C 100 27.35 -2.87 4.50
CA GLN C 100 27.53 -3.81 3.40
C GLN C 100 29.00 -4.23 3.35
N ALA C 101 29.22 -5.52 3.15
CA ALA C 101 30.54 -6.16 3.29
C ALA C 101 31.60 -5.53 2.40
N VAL C 102 31.26 -5.23 1.15
CA VAL C 102 32.22 -4.61 0.21
C VAL C 102 32.78 -3.28 0.66
N LEU C 103 32.10 -2.61 1.59
CA LEU C 103 32.51 -1.30 2.05
C LEU C 103 33.58 -1.36 3.16
N LEU C 104 33.78 -2.52 3.77
CA LEU C 104 34.82 -2.67 4.80
C LEU C 104 36.21 -2.65 4.17
N PRO C 105 37.23 -2.21 4.93
CA PRO C 105 38.58 -2.01 4.35
C PRO C 105 39.31 -3.28 3.90
N LYS C 106 40.40 -3.06 3.16
CA LYS C 106 41.36 -4.10 2.76
C LYS C 106 40.77 -5.13 1.75
N LYS C 107 41.26 -6.38 1.79
CA LYS C 107 40.93 -7.45 0.86
C LYS C 107 40.20 -8.61 1.59
N ARG D 1 -9.21 19.75 28.77
CA ARG D 1 -9.13 18.73 29.87
C ARG D 1 -10.08 17.53 29.73
N SER D 2 -10.63 17.28 28.54
CA SER D 2 -11.55 16.16 28.36
C SER D 2 -10.74 14.89 28.27
N ARG D 3 -11.39 13.78 28.59
CA ARG D 3 -10.69 12.53 28.85
C ARG D 3 -10.14 11.93 27.54
N LYS D 4 -8.83 11.71 27.49
CA LYS D 4 -8.18 11.10 26.33
C LYS D 4 -7.67 9.72 26.74
N GLU D 5 -8.44 8.70 26.40
CA GLU D 5 -8.15 7.33 26.78
C GLU D 5 -7.02 6.69 25.96
N SER D 6 -6.37 5.70 26.54
CA SER D 6 -5.31 4.94 25.87
C SER D 6 -5.21 3.55 26.47
N TYR D 7 -4.43 2.71 25.82
CA TYR D 7 -4.12 1.38 26.30
C TYR D 7 -2.96 1.32 27.31
N SER D 8 -2.47 2.48 27.73
CA SER D 8 -1.31 2.54 28.61
C SER D 8 -1.38 1.59 29.82
N ILE D 9 -2.51 1.63 30.54
CA ILE D 9 -2.74 0.85 31.75
C ILE D 9 -2.46 -0.61 31.52
N TYR D 10 -2.97 -1.11 30.40
CA TYR D 10 -2.95 -2.53 30.06
C TYR D 10 -1.59 -2.93 29.51
N VAL D 11 -0.99 -2.08 28.69
CA VAL D 11 0.38 -2.31 28.24
C VAL D 11 1.33 -2.46 29.44
N TYR D 12 1.21 -1.55 30.40
CA TYR D 12 2.01 -1.57 31.61
C TYR D 12 1.79 -2.84 32.47
N LYS D 13 0.56 -3.35 32.52
CA LYS D 13 0.27 -4.61 33.25
C LYS D 13 0.98 -5.76 32.59
N VAL D 14 0.92 -5.79 31.26
CA VAL D 14 1.54 -6.86 30.50
C VAL D 14 3.06 -6.76 30.61
N LEU D 15 3.59 -5.54 30.59
CA LEU D 15 4.99 -5.36 30.79
C LEU D 15 5.42 -6.01 32.14
N LYS D 16 4.66 -5.75 33.18
CA LYS D 16 5.04 -6.24 34.52
C LYS D 16 4.92 -7.76 34.63
N GLN D 17 4.01 -8.35 33.85
CA GLN D 17 3.96 -9.81 33.74
C GLN D 17 5.21 -10.43 33.13
N VAL D 18 5.75 -9.79 32.08
CA VAL D 18 6.88 -10.38 31.36
C VAL D 18 8.23 -10.00 31.88
N HIS D 19 8.34 -8.77 32.36
CA HIS D 19 9.61 -8.23 32.84
C HIS D 19 9.29 -7.42 34.08
N PRO D 20 9.16 -8.11 35.25
CA PRO D 20 8.73 -7.45 36.51
C PRO D 20 9.54 -6.23 36.91
N ASP D 21 10.84 -6.21 36.62
CA ASP D 21 11.69 -5.10 37.05
C ASP D 21 11.98 -4.07 35.93
N THR D 22 11.23 -4.11 34.83
CA THR D 22 11.49 -3.26 33.67
C THR D 22 10.42 -2.18 33.56
N GLY D 23 10.85 -0.95 33.33
CA GLY D 23 9.93 0.18 33.11
C GLY D 23 9.83 0.52 31.62
N ILE D 24 9.16 1.63 31.31
CA ILE D 24 8.96 2.05 29.92
C ILE D 24 8.83 3.59 29.89
N SER D 25 9.53 4.23 28.95
CA SER D 25 9.43 5.70 28.79
C SER D 25 8.07 6.06 28.21
N SER D 26 7.64 7.30 28.39
CA SER D 26 6.35 7.74 27.82
C SER D 26 6.38 7.71 26.28
N LYS D 27 7.52 8.02 25.67
CA LYS D 27 7.66 7.91 24.22
C LYS D 27 7.51 6.46 23.76
N ALA D 28 8.12 5.53 24.49
CA ALA D 28 7.92 4.10 24.19
C ALA D 28 6.49 3.71 24.33
N MET D 29 5.84 4.18 25.40
CA MET D 29 4.42 3.92 25.60
C MET D 29 3.56 4.52 24.47
N GLY D 30 3.93 5.69 23.97
CA GLY D 30 3.27 6.27 22.78
C GLY D 30 3.39 5.36 21.58
N ILE D 31 4.57 4.78 21.41
CA ILE D 31 4.73 3.77 20.36
C ILE D 31 3.84 2.55 20.51
N MET D 32 3.79 2.00 21.72
CA MET D 32 2.95 0.83 22.01
C MET D 32 1.47 1.12 21.79
N ASN D 33 1.08 2.32 22.18
CA ASN D 33 -0.29 2.78 21.91
C ASN D 33 -0.67 2.87 20.43
N SER D 34 0.23 3.46 19.63
CA SER D 34 0.07 3.45 18.16
C SER D 34 -0.03 2.02 17.62
N PHE D 35 0.84 1.13 18.12
CA PHE D 35 0.88 -0.25 17.65
C PHE D 35 -0.46 -0.93 17.90
N VAL D 36 -0.99 -0.83 19.11
CA VAL D 36 -2.27 -1.50 19.42
C VAL D 36 -3.42 -0.93 18.56
N ASN D 37 -3.51 0.40 18.48
CA ASN D 37 -4.48 1.08 17.60
C ASN D 37 -4.37 0.63 16.18
N ASP D 38 -3.14 0.51 15.70
CA ASP D 38 -2.88 0.11 14.30
C ASP D 38 -3.37 -1.31 14.05
N ILE D 39 -3.01 -2.25 14.94
CA ILE D 39 -3.42 -3.64 14.77
C ILE D 39 -4.93 -3.85 14.95
N PHE D 40 -5.53 -3.13 15.87
CA PHE D 40 -7.01 -3.10 16.01
C PHE D 40 -7.67 -2.74 14.67
N GLU D 41 -7.31 -1.61 14.10
CA GLU D 41 -7.89 -1.15 12.80
C GLU D 41 -7.68 -2.18 11.70
N ARG D 42 -6.47 -2.71 11.60
CA ARG D 42 -6.20 -3.70 10.54
C ARG D 42 -7.08 -4.91 10.67
N ILE D 43 -7.18 -5.44 11.88
CA ILE D 43 -7.99 -6.65 12.10
C ILE D 43 -9.46 -6.30 11.91
N ALA D 44 -9.91 -5.19 12.48
CA ALA D 44 -11.33 -4.82 12.39
C ALA D 44 -11.74 -4.58 10.93
N GLY D 45 -10.87 -3.90 10.18
CA GLY D 45 -11.04 -3.69 8.75
C GLY D 45 -11.15 -4.97 7.92
N GLU D 46 -10.17 -5.87 8.06
CA GLU D 46 -10.27 -7.18 7.41
C GLU D 46 -11.58 -7.90 7.80
N ALA D 47 -11.93 -7.87 9.09
CA ALA D 47 -13.17 -8.51 9.58
C ALA D 47 -14.44 -7.90 8.94
N SER D 48 -14.49 -6.57 8.87
CA SER D 48 -15.58 -5.84 8.20
C SER D 48 -15.75 -6.27 6.76
N ARG D 49 -14.65 -6.23 6.01
CA ARG D 49 -14.61 -6.62 4.59
C ARG D 49 -15.10 -8.04 4.41
N LEU D 50 -14.54 -8.94 5.21
CA LEU D 50 -14.85 -10.37 5.15
C LEU D 50 -16.34 -10.64 5.34
N ALA D 51 -16.94 -9.99 6.34
CA ALA D 51 -18.38 -10.05 6.61
C ALA D 51 -19.21 -9.50 5.43
N HIS D 52 -18.79 -8.37 4.87
CA HIS D 52 -19.44 -7.82 3.68
C HIS D 52 -19.33 -8.77 2.49
N TYR D 53 -18.17 -9.36 2.29
CA TYR D 53 -17.99 -10.28 1.17
C TYR D 53 -18.94 -11.48 1.29
N ASN D 54 -19.27 -11.90 2.51
CA ASN D 54 -20.19 -13.02 2.74
C ASN D 54 -21.64 -12.60 3.05
N LYS D 55 -21.99 -11.34 2.80
CA LYS D 55 -23.35 -10.81 3.04
C LYS D 55 -23.85 -11.04 4.48
N ARG D 56 -22.93 -11.01 5.44
CA ARG D 56 -23.25 -11.11 6.86
C ARG D 56 -23.22 -9.69 7.40
N SER D 57 -24.08 -9.41 8.37
CA SER D 57 -24.11 -8.12 9.04
C SER D 57 -23.44 -8.17 10.42
N THR D 58 -22.97 -9.35 10.83
CA THR D 58 -22.39 -9.51 12.17
C THR D 58 -20.91 -9.89 12.05
N ILE D 59 -20.06 -9.15 12.77
CA ILE D 59 -18.68 -9.55 13.04
C ILE D 59 -18.65 -10.40 14.31
N THR D 60 -18.37 -11.69 14.12
CA THR D 60 -18.19 -12.63 15.21
C THR D 60 -16.71 -12.99 15.38
N SER D 61 -16.42 -13.76 16.42
CA SER D 61 -15.06 -14.22 16.68
C SER D 61 -14.49 -15.03 15.49
N ARG D 62 -15.35 -15.63 14.67
CA ARG D 62 -14.93 -16.31 13.44
C ARG D 62 -14.39 -15.36 12.33
N GLU D 63 -14.92 -14.15 12.26
CA GLU D 63 -14.38 -13.11 11.36
C GLU D 63 -13.06 -12.58 11.92
N ILE D 64 -13.01 -12.34 13.22
CA ILE D 64 -11.77 -11.90 13.87
C ILE D 64 -10.71 -12.94 13.56
N GLN D 65 -11.03 -14.22 13.73
CA GLN D 65 -10.06 -15.31 13.53
C GLN D 65 -9.49 -15.36 12.12
N THR D 66 -10.36 -15.31 11.13
CA THR D 66 -9.91 -15.33 9.73
C THR D 66 -9.08 -14.05 9.39
N ALA D 67 -9.48 -12.90 9.91
CA ALA D 67 -8.74 -11.64 9.75
C ALA D 67 -7.34 -11.77 10.30
N VAL D 68 -7.23 -12.34 11.50
CA VAL D 68 -5.93 -12.65 12.10
C VAL D 68 -5.07 -13.53 11.21
N ARG D 69 -5.65 -14.58 10.63
CA ARG D 69 -4.90 -15.46 9.71
C ARG D 69 -4.49 -14.75 8.43
N LEU D 70 -5.33 -13.83 7.95
CA LEU D 70 -4.97 -13.03 6.79
C LEU D 70 -3.87 -12.01 7.05
N LEU D 71 -3.85 -11.42 8.25
CA LEU D 71 -2.95 -10.32 8.56
C LEU D 71 -1.61 -10.69 9.18
N LEU D 72 -1.59 -11.66 10.10
CA LEU D 72 -0.37 -11.98 10.79
C LEU D 72 0.44 -13.04 10.05
N PRO D 73 1.78 -12.93 10.09
CA PRO D 73 2.59 -14.03 9.52
C PRO D 73 2.56 -15.30 10.37
N GLY D 74 2.91 -16.41 9.73
CA GLY D 74 2.97 -17.76 10.32
C GLY D 74 2.81 -17.97 11.80
N GLU D 75 3.91 -17.98 12.52
CA GLU D 75 3.89 -18.31 13.93
C GLU D 75 3.09 -17.35 14.79
N LEU D 76 3.11 -16.06 14.48
CA LEU D 76 2.33 -15.10 15.26
C LEU D 76 0.85 -15.36 15.07
N ALA D 77 0.45 -15.75 13.85
CA ALA D 77 -0.95 -16.08 13.59
C ALA D 77 -1.36 -17.31 14.43
N LYS D 78 -0.55 -18.36 14.37
CA LYS D 78 -0.79 -19.59 15.16
C LYS D 78 -1.04 -19.28 16.61
N HIS D 79 -0.08 -18.61 17.24
CA HIS D 79 -0.16 -18.30 18.65
C HIS D 79 -1.30 -17.32 19.00
N ALA D 80 -1.51 -16.30 18.17
CA ALA D 80 -2.66 -15.38 18.35
C ALA D 80 -3.98 -16.12 18.32
N VAL D 81 -4.13 -17.01 17.35
CA VAL D 81 -5.33 -17.82 17.19
C VAL D 81 -5.61 -18.73 18.40
N SER D 82 -4.56 -19.29 19.00
CA SER D 82 -4.71 -20.08 20.22
C SER D 82 -5.18 -19.22 21.37
N GLU D 83 -4.51 -18.09 21.56
CA GLU D 83 -4.86 -17.19 22.67
C GLU D 83 -6.28 -16.59 22.50
N GLY D 84 -6.69 -16.36 21.26
CA GLY D 84 -8.04 -15.86 20.98
C GLY D 84 -9.11 -16.91 21.19
N THR D 85 -8.89 -18.10 20.65
CA THR D 85 -9.78 -19.24 20.85
C THR D 85 -9.98 -19.53 22.36
N LYS D 86 -8.86 -19.58 23.08
CA LYS D 86 -8.85 -19.87 24.51
C LYS D 86 -9.52 -18.79 25.38
N ALA D 87 -9.35 -17.53 25.02
CA ALA D 87 -10.08 -16.46 25.69
C ALA D 87 -11.60 -16.57 25.50
N VAL D 88 -12.03 -17.01 24.32
CA VAL D 88 -13.47 -17.11 24.01
C VAL D 88 -14.08 -18.34 24.73
N THR D 89 -13.56 -19.52 24.45
CA THR D 89 -13.90 -20.75 25.19
C THR D 89 -13.99 -20.50 26.70
N LYS D 90 -12.97 -19.90 27.29
CA LYS D 90 -13.02 -19.54 28.70
C LYS D 90 -14.14 -18.57 29.01
N TYR D 91 -14.27 -17.51 28.22
CA TYR D 91 -15.31 -16.49 28.44
C TYR D 91 -16.73 -17.06 28.41
N THR D 92 -16.98 -17.92 27.41
CA THR D 92 -18.24 -18.60 27.22
C THR D 92 -18.55 -19.49 28.42
N SER D 93 -17.60 -20.36 28.76
CA SER D 93 -17.74 -21.27 29.89
C SER D 93 -17.65 -20.58 31.27
N ALA D 94 -17.09 -19.37 31.33
CA ALA D 94 -16.98 -18.63 32.61
C ALA D 94 -18.22 -17.82 32.98
N LYS D 95 -19.26 -17.86 32.15
CA LYS D 95 -20.57 -17.30 32.50
C LYS D 95 -21.44 -18.40 33.14
N PRO E 1 51.79 15.20 11.89
CA PRO E 1 50.47 15.67 11.56
C PRO E 1 49.69 14.52 10.93
N HIS E 2 49.16 13.64 11.77
CA HIS E 2 48.59 12.37 11.32
C HIS E 2 47.29 12.55 10.49
N ARG E 3 46.95 11.50 9.73
CA ARG E 3 45.78 11.52 8.82
C ARG E 3 45.12 10.16 8.70
N TYR E 4 43.82 10.10 8.89
CA TYR E 4 43.09 8.88 8.53
C TYR E 4 42.94 8.81 7.02
N ARG E 5 43.02 7.62 6.47
CA ARG E 5 42.87 7.43 5.03
C ARG E 5 41.40 7.63 4.61
N PRO E 6 41.17 8.06 3.35
CA PRO E 6 39.80 8.17 2.81
C PRO E 6 39.00 6.87 2.99
N GLY E 7 37.86 6.96 3.68
CA GLY E 7 37.03 5.79 3.97
C GLY E 7 36.96 5.44 5.44
N THR E 8 38.03 5.71 6.17
CA THR E 8 38.15 5.32 7.57
C THR E 8 37.20 6.11 8.44
N VAL E 9 37.19 7.43 8.26
CA VAL E 9 36.31 8.27 9.05
C VAL E 9 34.84 8.06 8.57
N ALA E 10 34.63 7.92 7.27
CA ALA E 10 33.29 7.57 6.74
C ALA E 10 32.72 6.32 7.44
N LEU E 11 33.52 5.25 7.54
CA LEU E 11 33.09 4.05 8.29
C LEU E 11 32.79 4.31 9.77
N ARG E 12 33.66 5.09 10.41
CA ARG E 12 33.44 5.48 11.79
C ARG E 12 32.09 6.20 11.93
N GLU E 13 31.80 7.10 11.00
CA GLU E 13 30.51 7.81 11.02
C GLU E 13 29.29 6.89 10.80
N ILE E 14 29.43 5.92 9.91
CA ILE E 14 28.35 4.94 9.68
C ILE E 14 28.04 4.28 11.03
N ARG E 15 29.08 3.84 11.75
CA ARG E 15 28.89 3.14 13.02
C ARG E 15 28.26 4.04 14.05
N ARG E 16 28.76 5.27 14.15
CA ARG E 16 28.21 6.23 15.08
C ARG E 16 26.72 6.49 14.83
N TYR E 17 26.36 6.83 13.60
CA TYR E 17 24.96 7.21 13.35
C TYR E 17 23.99 6.01 13.35
N GLN E 18 24.47 4.83 12.99
CA GLN E 18 23.60 3.64 13.06
C GLN E 18 23.33 3.18 14.47
N LYS E 19 24.16 3.62 15.42
CA LYS E 19 24.01 3.35 16.83
C LYS E 19 23.02 4.31 17.51
N SER E 20 22.92 5.54 17.02
CA SER E 20 22.12 6.56 17.70
C SER E 20 20.77 6.76 16.98
N THR E 21 19.89 7.48 17.63
CA THR E 21 18.54 7.72 17.12
C THR E 21 18.17 9.21 16.96
N GLU E 22 19.07 10.13 17.27
CA GLU E 22 18.70 11.52 17.28
C GLU E 22 18.52 12.02 15.82
N LEU E 23 17.65 12.98 15.65
CA LEU E 23 17.45 13.59 14.35
C LEU E 23 18.73 14.28 13.86
N LEU E 24 18.97 14.18 12.55
CA LEU E 24 20.21 14.58 11.94
C LEU E 24 20.14 15.92 11.19
N ILE E 25 18.94 16.40 10.89
CA ILE E 25 18.73 17.73 10.31
C ILE E 25 18.51 18.71 11.48
N ARG E 26 19.10 19.90 11.42
CA ARG E 26 18.90 20.92 12.47
C ARG E 26 17.42 21.31 12.58
N LYS E 27 16.92 21.53 13.80
CA LYS E 27 15.49 21.73 14.01
C LYS E 27 14.91 22.98 13.35
N LEU E 28 15.54 24.13 13.56
CA LEU E 28 14.97 25.40 13.11
C LEU E 28 14.90 25.47 11.57
N PRO E 29 15.98 25.13 10.87
CA PRO E 29 15.93 25.14 9.42
C PRO E 29 14.85 24.22 8.85
N PHE E 30 14.68 23.04 9.45
CA PHE E 30 13.62 22.14 9.02
C PHE E 30 12.27 22.77 9.25
N GLN E 31 12.07 23.35 10.42
CA GLN E 31 10.84 24.07 10.75
C GLN E 31 10.48 25.19 9.73
N ARG E 32 11.49 25.98 9.36
CA ARG E 32 11.30 27.01 8.34
C ARG E 32 10.89 26.42 7.01
N LEU E 33 11.53 25.31 6.61
CA LEU E 33 11.20 24.65 5.36
C LEU E 33 9.74 24.19 5.36
N VAL E 34 9.30 23.53 6.43
CA VAL E 34 7.90 23.10 6.58
C VAL E 34 6.95 24.31 6.43
N ARG E 35 7.25 25.40 7.13
CA ARG E 35 6.38 26.58 7.12
C ARG E 35 6.30 27.23 5.75
N GLU E 36 7.43 27.32 5.06
CA GLU E 36 7.51 27.82 3.67
C GLU E 36 6.61 27.01 2.72
N ILE E 37 6.78 25.70 2.75
CA ILE E 37 6.01 24.81 1.86
C ILE E 37 4.55 24.89 2.18
N ALA E 38 4.20 24.80 3.45
CA ALA E 38 2.77 24.87 3.83
C ALA E 38 2.14 26.22 3.48
N GLN E 39 2.89 27.28 3.71
CA GLN E 39 2.46 28.64 3.35
C GLN E 39 2.14 28.80 1.87
N ASP E 40 2.92 28.15 1.00
CA ASP E 40 2.59 28.09 -0.42
C ASP E 40 1.28 27.34 -0.73
N PHE E 41 0.84 26.41 0.12
CA PHE E 41 -0.47 25.79 -0.05
C PHE E 41 -1.57 26.61 0.58
N LYS E 42 -1.29 27.22 1.72
CA LYS E 42 -2.34 27.90 2.47
C LYS E 42 -1.72 28.90 3.44
N THR E 43 -2.11 30.17 3.32
CA THR E 43 -1.55 31.23 4.16
C THR E 43 -2.14 31.17 5.55
N ASP E 44 -1.45 31.76 6.52
CA ASP E 44 -1.99 31.94 7.86
C ASP E 44 -2.24 30.63 8.62
N LEU E 45 -1.47 29.60 8.30
CA LEU E 45 -1.47 28.35 9.07
C LEU E 45 -0.54 28.46 10.28
N ARG E 46 -0.97 27.80 11.34
CA ARG E 46 -0.15 27.53 12.51
C ARG E 46 0.12 26.01 12.56
N PHE E 47 1.13 25.62 13.33
CA PHE E 47 1.52 24.21 13.52
C PHE E 47 1.68 23.92 14.99
N GLN E 48 1.08 22.83 15.47
CA GLN E 48 1.50 22.24 16.76
C GLN E 48 2.96 21.87 16.65
N SER E 49 3.72 22.05 17.72
CA SER E 49 5.15 21.74 17.63
C SER E 49 5.37 20.24 17.36
N SER E 50 4.50 19.39 17.88
CA SER E 50 4.58 17.96 17.62
C SER E 50 4.28 17.60 16.13
N ALA E 51 3.47 18.41 15.45
CA ALA E 51 3.21 18.24 14.00
C ALA E 51 4.49 18.38 13.21
N VAL E 52 5.26 19.40 13.53
CA VAL E 52 6.54 19.62 12.89
C VAL E 52 7.52 18.47 13.19
N MET E 53 7.52 18.01 14.44
CA MET E 53 8.42 16.92 14.84
C MET E 53 8.02 15.60 14.18
N ALA E 54 6.73 15.34 14.08
CA ALA E 54 6.21 14.18 13.32
C ALA E 54 6.67 14.22 11.86
N LEU E 55 6.59 15.40 11.23
CA LEU E 55 7.12 15.58 9.87
C LEU E 55 8.60 15.33 9.80
N GLN E 56 9.36 15.80 10.80
CA GLN E 56 10.79 15.59 10.74
C GLN E 56 11.18 14.13 10.90
N GLU E 57 10.52 13.44 11.84
CA GLU E 57 10.76 11.99 12.05
C GLU E 57 10.44 11.23 10.78
N ALA E 58 9.32 11.55 10.15
CA ALA E 58 8.96 10.89 8.89
C ALA E 58 9.93 11.20 7.75
N CYS E 59 10.34 12.48 7.58
CA CYS E 59 11.25 12.84 6.50
C CYS E 59 12.58 12.14 6.63
N GLU E 60 13.12 12.14 7.84
CA GLU E 60 14.40 11.51 8.10
C GLU E 60 14.34 10.01 7.89
N ALA E 61 13.30 9.34 8.36
CA ALA E 61 13.22 7.90 8.20
C ALA E 61 13.11 7.55 6.72
N TYR E 62 12.30 8.33 5.99
CA TYR E 62 12.19 8.16 4.56
C TYR E 62 13.58 8.29 3.88
N LEU E 63 14.33 9.35 4.19
CA LEU E 63 15.61 9.56 3.50
C LEU E 63 16.66 8.49 3.86
N VAL E 64 16.70 8.10 5.13
CA VAL E 64 17.63 7.04 5.53
C VAL E 64 17.37 5.80 4.72
N GLY E 65 16.09 5.39 4.64
CA GLY E 65 15.64 4.19 3.91
C GLY E 65 15.98 4.32 2.42
N LEU E 66 15.78 5.51 1.87
CA LEU E 66 16.10 5.74 0.47
C LEU E 66 17.60 5.62 0.22
N PHE E 67 18.41 6.17 1.11
CA PHE E 67 19.87 6.00 1.01
C PHE E 67 20.32 4.55 1.09
N GLU E 68 19.65 3.74 1.89
CA GLU E 68 19.97 2.31 1.94
C GLU E 68 19.76 1.69 0.58
N ASP E 69 18.58 1.97 -0.01
CA ASP E 69 18.26 1.45 -1.37
C ASP E 69 19.23 1.97 -2.45
N THR E 70 19.55 3.26 -2.36
CA THR E 70 20.50 3.91 -3.23
C THR E 70 21.88 3.26 -3.17
N ASN E 71 22.37 3.04 -1.95
CA ASN E 71 23.62 2.34 -1.70
C ASN E 71 23.65 0.98 -2.38
N LEU E 72 22.53 0.24 -2.32
CA LEU E 72 22.43 -1.07 -2.97
C LEU E 72 22.48 -0.96 -4.49
N CYS E 73 21.84 0.07 -5.04
CA CYS E 73 21.99 0.40 -6.46
C CYS E 73 23.44 0.73 -6.92
N ALA E 74 24.18 1.51 -6.14
CA ALA E 74 25.59 1.78 -6.42
C ALA E 74 26.46 0.51 -6.40
N ILE E 75 26.32 -0.28 -5.32
CA ILE E 75 27.03 -1.54 -5.16
C ILE E 75 26.69 -2.51 -6.30
N HIS E 76 25.44 -2.49 -6.76
CA HIS E 76 25.04 -3.33 -7.88
C HIS E 76 25.81 -2.99 -9.17
N ALA E 77 26.10 -1.71 -9.35
CA ALA E 77 26.93 -1.22 -10.44
C ALA E 77 28.45 -1.35 -10.18
N LYS E 78 28.83 -2.04 -9.11
CA LYS E 78 30.23 -2.25 -8.73
C LYS E 78 30.95 -0.96 -8.34
N ARG E 79 30.20 0.01 -7.81
CA ARG E 79 30.73 1.20 -7.19
C ARG E 79 30.53 1.17 -5.66
N VAL E 80 31.20 2.10 -4.99
CA VAL E 80 30.99 2.38 -3.55
C VAL E 80 30.47 3.81 -3.33
N THR E 81 30.35 4.59 -4.41
CA THR E 81 29.93 5.98 -4.36
C THR E 81 28.50 6.10 -4.89
N ILE E 82 27.62 6.68 -4.07
CA ILE E 82 26.25 6.91 -4.50
C ILE E 82 26.20 8.13 -5.43
N MET E 83 25.39 8.02 -6.46
CA MET E 83 25.22 9.03 -7.49
C MET E 83 23.74 9.32 -7.72
N PRO E 84 23.39 10.47 -8.32
CA PRO E 84 21.96 10.74 -8.61
C PRO E 84 21.25 9.58 -9.35
N LYS E 85 21.94 8.92 -10.27
CA LYS E 85 21.31 7.80 -10.99
C LYS E 85 20.93 6.60 -10.09
N ASP E 86 21.62 6.41 -8.97
CA ASP E 86 21.28 5.38 -7.97
C ASP E 86 19.98 5.76 -7.25
N ILE E 87 19.86 7.01 -6.82
CA ILE E 87 18.64 7.47 -6.17
C ILE E 87 17.43 7.31 -7.13
N GLN E 88 17.65 7.68 -8.40
CA GLN E 88 16.61 7.64 -9.45
C GLN E 88 16.18 6.20 -9.74
N LEU E 89 17.13 5.27 -9.83
CA LEU E 89 16.75 3.88 -9.97
C LEU E 89 15.97 3.37 -8.76
N ALA E 90 16.45 3.68 -7.55
CA ALA E 90 15.76 3.27 -6.33
C ALA E 90 14.31 3.76 -6.31
N ARG E 91 14.12 5.05 -6.59
CA ARG E 91 12.79 5.63 -6.63
C ARG E 91 11.90 5.04 -7.71
N ARG E 92 12.46 4.79 -8.90
CA ARG E 92 11.73 4.16 -10.01
C ARG E 92 11.22 2.77 -9.61
N ILE E 93 12.08 1.95 -9.02
CA ILE E 93 11.70 0.59 -8.67
C ILE E 93 10.75 0.59 -7.48
N ARG E 94 10.92 1.51 -6.55
CA ARG E 94 9.94 1.71 -5.48
C ARG E 94 8.56 2.16 -5.94
N GLY E 95 8.43 2.64 -7.17
CA GLY E 95 7.15 3.06 -7.68
C GLY E 95 6.81 4.46 -7.21
N GLU E 96 7.82 5.23 -6.81
CA GLU E 96 7.64 6.65 -6.52
C GLU E 96 7.68 7.45 -7.81
N ARG E 97 8.17 6.84 -8.88
CA ARG E 97 8.15 7.45 -10.20
C ARG E 97 8.18 6.41 -11.32
N ALA E 98 7.53 5.25 -11.13
CA ALA E 98 7.71 4.04 -11.98
C ALA E 98 7.47 4.18 -13.51
N LYS F 1 -0.20 46.32 12.04
CA LYS F 1 0.30 45.12 12.78
C LYS F 1 1.79 44.82 12.43
N ARG F 2 2.15 43.55 12.19
CA ARG F 2 3.55 43.12 12.08
C ARG F 2 3.81 42.42 10.75
N HIS F 3 3.04 41.37 10.47
CA HIS F 3 3.10 40.56 9.24
C HIS F 3 4.41 39.76 9.12
N ARG F 4 4.24 38.43 8.97
CA ARG F 4 5.34 37.46 8.94
C ARG F 4 6.42 37.80 7.94
N LYS F 5 7.68 37.53 8.31
CA LYS F 5 8.78 37.73 7.38
C LYS F 5 8.69 36.72 6.25
N VAL F 6 9.16 37.15 5.09
CA VAL F 6 9.10 36.38 3.88
C VAL F 6 10.04 35.18 3.98
N LEU F 7 9.46 33.99 3.80
CA LEU F 7 10.20 32.72 3.80
C LEU F 7 10.58 32.40 2.38
N ARG F 8 11.88 32.22 2.13
CA ARG F 8 12.38 31.89 0.82
C ARG F 8 13.64 31.04 0.92
N ASP F 9 13.83 30.10 -0.03
CA ASP F 9 15.07 29.33 -0.14
C ASP F 9 15.43 28.47 1.10
N ASN F 10 14.46 28.08 1.89
CA ASN F 10 14.75 27.31 3.12
C ASN F 10 15.16 25.87 2.88
N ILE F 11 15.05 25.40 1.64
CA ILE F 11 15.55 24.10 1.26
C ILE F 11 17.08 24.01 1.49
N GLN F 12 17.77 25.15 1.45
CA GLN F 12 19.24 25.19 1.64
C GLN F 12 19.72 25.02 3.08
N GLY F 13 18.78 25.16 4.02
CA GLY F 13 18.95 24.75 5.40
C GLY F 13 19.12 23.24 5.57
N ILE F 14 18.71 22.48 4.56
CA ILE F 14 19.09 21.05 4.49
C ILE F 14 20.51 21.02 3.91
N THR F 15 21.47 21.15 4.82
CA THR F 15 22.88 21.35 4.45
C THR F 15 23.57 20.07 4.03
N LYS F 16 24.71 20.24 3.37
CA LYS F 16 25.55 19.12 2.93
C LYS F 16 25.92 18.17 4.10
N PRO F 17 26.34 18.71 5.26
CA PRO F 17 26.63 17.84 6.42
C PRO F 17 25.41 17.11 6.98
N ALA F 18 24.24 17.74 7.00
CA ALA F 18 23.03 17.04 7.47
C ALA F 18 22.68 15.86 6.52
N ILE F 19 22.82 16.09 5.22
CA ILE F 19 22.59 15.06 4.22
C ILE F 19 23.61 13.93 4.30
N ARG F 20 24.88 14.24 4.50
CA ARG F 20 25.89 13.23 4.73
C ARG F 20 25.56 12.36 5.94
N ARG F 21 25.14 12.98 7.04
CA ARG F 21 24.73 12.27 8.24
C ARG F 21 23.60 11.29 7.98
N LEU F 22 22.55 11.73 7.29
CA LEU F 22 21.45 10.85 6.91
C LEU F 22 21.95 9.69 6.05
N ALA F 23 22.88 9.97 5.11
CA ALA F 23 23.45 8.92 4.26
C ALA F 23 24.25 7.86 5.10
N ARG F 24 25.01 8.34 6.07
CA ARG F 24 25.76 7.51 7.01
C ARG F 24 24.86 6.57 7.78
N ARG F 25 23.77 7.10 8.35
CA ARG F 25 22.78 6.24 8.98
C ARG F 25 22.21 5.16 8.03
N GLY F 26 22.12 5.53 6.74
CA GLY F 26 21.68 4.61 5.68
C GLY F 26 22.78 3.71 5.17
N GLY F 27 23.98 3.75 5.77
CA GLY F 27 25.08 2.83 5.41
C GLY F 27 26.00 3.28 4.30
N VAL F 28 25.92 4.56 3.90
CA VAL F 28 26.66 5.04 2.74
C VAL F 28 28.09 5.47 3.10
N LYS F 29 29.07 5.00 2.34
CA LYS F 29 30.48 5.31 2.58
C LYS F 29 31.07 6.45 1.75
N ARG F 30 30.62 6.59 0.50
CA ARG F 30 31.14 7.59 -0.43
C ARG F 30 29.99 8.22 -1.22
N ILE F 31 30.05 9.54 -1.38
CA ILE F 31 28.94 10.36 -1.81
C ILE F 31 29.39 11.35 -2.91
N SER F 32 28.90 11.14 -4.14
CA SER F 32 29.09 12.11 -5.23
C SER F 32 28.60 13.52 -4.89
N GLY F 33 29.35 14.54 -5.34
CA GLY F 33 28.97 15.96 -5.12
C GLY F 33 27.58 16.35 -5.60
N LEU F 34 27.05 15.64 -6.60
CA LEU F 34 25.69 15.91 -7.10
C LEU F 34 24.57 15.39 -6.20
N ILE F 35 24.90 14.57 -5.20
CA ILE F 35 23.87 13.95 -4.36
C ILE F 35 23.08 14.95 -3.56
N TYR F 36 23.74 16.03 -3.13
CA TYR F 36 23.12 16.95 -2.17
C TYR F 36 21.94 17.67 -2.78
N GLU F 37 22.10 18.15 -4.01
CA GLU F 37 21.00 18.82 -4.70
C GLU F 37 19.88 17.84 -5.07
N GLU F 38 20.26 16.66 -5.53
CA GLU F 38 19.28 15.59 -5.82
C GLU F 38 18.43 15.24 -4.57
N THR F 39 19.07 15.22 -3.41
CA THR F 39 18.40 14.87 -2.17
C THR F 39 17.45 15.98 -1.75
N ARG F 40 17.88 17.23 -1.85
CA ARG F 40 16.98 18.37 -1.55
C ARG F 40 15.69 18.32 -2.39
N GLY F 41 15.83 18.02 -3.68
CA GLY F 41 14.68 17.85 -4.57
C GLY F 41 13.73 16.72 -4.18
N VAL F 42 14.30 15.57 -3.83
CA VAL F 42 13.52 14.43 -3.36
C VAL F 42 12.84 14.77 -2.02
N LEU F 43 13.58 15.37 -1.11
CA LEU F 43 12.97 15.77 0.15
C LEU F 43 11.83 16.73 -0.05
N LYS F 44 12.00 17.69 -0.95
CA LYS F 44 10.95 18.69 -1.17
C LYS F 44 9.66 18.05 -1.68
N VAL F 45 9.81 17.10 -2.61
CA VAL F 45 8.67 16.37 -3.12
C VAL F 45 7.97 15.63 -2.00
N PHE F 46 8.74 14.94 -1.17
CA PHE F 46 8.17 14.16 -0.08
C PHE F 46 7.40 15.05 0.89
N LEU F 47 8.04 16.12 1.34
CA LEU F 47 7.40 17.08 2.25
C LEU F 47 6.14 17.76 1.68
N GLU F 48 6.23 18.20 0.43
CA GLU F 48 5.09 18.79 -0.25
C GLU F 48 3.92 17.85 -0.25
N ASN F 49 4.17 16.58 -0.60
CA ASN F 49 3.07 15.61 -0.69
C ASN F 49 2.40 15.39 0.67
N VAL F 50 3.20 15.22 1.71
CA VAL F 50 2.67 14.93 3.03
C VAL F 50 1.98 16.18 3.59
N ILE F 51 2.62 17.35 3.48
CA ILE F 51 2.00 18.62 3.92
C ILE F 51 0.67 18.91 3.18
N ARG F 52 0.66 18.73 1.86
CA ARG F 52 -0.58 18.89 1.07
C ARG F 52 -1.74 18.13 1.69
N ASP F 53 -1.54 16.83 1.97
CA ASP F 53 -2.58 16.01 2.64
C ASP F 53 -2.86 16.46 4.05
N ALA F 54 -1.83 16.80 4.82
CA ALA F 54 -2.07 17.22 6.21
C ALA F 54 -2.95 18.48 6.24
N VAL F 55 -2.58 19.47 5.43
CA VAL F 55 -3.35 20.71 5.32
C VAL F 55 -4.76 20.48 4.83
N THR F 56 -4.95 19.49 3.95
CA THR F 56 -6.28 19.13 3.51
C THR F 56 -7.13 18.66 4.66
N TYR F 57 -6.58 17.81 5.55
CA TYR F 57 -7.32 17.44 6.78
C TYR F 57 -7.55 18.64 7.71
N THR F 58 -6.56 19.53 7.85
CA THR F 58 -6.72 20.73 8.67
C THR F 58 -7.91 21.58 8.17
N GLU F 59 -7.91 21.87 6.87
CA GLU F 59 -8.98 22.67 6.24
C GLU F 59 -10.33 21.98 6.32
N HIS F 60 -10.38 20.66 6.11
CA HIS F 60 -11.64 19.93 6.22
C HIS F 60 -12.24 20.07 7.60
N ALA F 61 -11.40 20.04 8.63
CA ALA F 61 -11.83 20.24 10.01
C ALA F 61 -12.18 21.68 10.38
N LYS F 62 -11.89 22.65 9.51
CA LYS F 62 -12.14 24.08 9.75
C LYS F 62 -11.21 24.69 10.80
N ARG F 63 -9.97 24.19 10.85
CA ARG F 63 -8.95 24.72 11.72
C ARG F 63 -7.93 25.50 10.92
N LYS F 64 -7.17 26.32 11.64
CA LYS F 64 -6.04 27.09 11.10
C LYS F 64 -4.71 26.52 11.60
N THR F 65 -4.77 25.47 12.40
CA THR F 65 -3.61 24.89 13.04
C THR F 65 -3.46 23.44 12.57
N VAL F 66 -2.31 23.15 11.97
CA VAL F 66 -1.97 21.79 11.54
C VAL F 66 -1.57 21.02 12.81
N THR F 67 -2.33 19.97 13.14
CA THR F 67 -2.04 19.11 14.29
C THR F 67 -1.15 17.93 13.91
N ALA F 68 -0.55 17.34 14.94
CA ALA F 68 0.18 16.08 14.80
C ALA F 68 -0.69 15.03 14.12
N MET F 69 -1.96 14.97 14.51
CA MET F 69 -2.88 14.01 13.92
C MET F 69 -3.13 14.25 12.43
N ASP F 70 -3.19 15.52 11.98
CA ASP F 70 -3.29 15.79 10.55
C ASP F 70 -2.09 15.18 9.79
N VAL F 71 -0.90 15.31 10.38
CA VAL F 71 0.33 14.75 9.82
C VAL F 71 0.30 13.21 9.88
N VAL F 72 -0.15 12.63 11.00
CA VAL F 72 -0.22 11.19 11.16
C VAL F 72 -1.16 10.55 10.15
N TYR F 73 -2.33 11.15 9.97
CA TYR F 73 -3.27 10.68 8.93
C TYR F 73 -2.74 10.86 7.53
N ALA F 74 -2.09 12.00 7.27
CA ALA F 74 -1.46 12.20 5.95
C ALA F 74 -0.41 11.12 5.70
N LEU F 75 0.46 10.86 6.68
CA LEU F 75 1.52 9.87 6.48
C LEU F 75 0.93 8.49 6.26
N LYS F 76 -0.09 8.14 7.03
CA LYS F 76 -0.78 6.85 6.84
C LYS F 76 -1.34 6.71 5.44
N ARG F 77 -2.09 7.70 4.97
CA ARG F 77 -2.60 7.74 3.59
C ARG F 77 -1.53 7.44 2.56
N GLN F 78 -0.35 7.98 2.81
CA GLN F 78 0.79 7.93 1.95
C GLN F 78 1.56 6.60 2.05
N GLY F 79 1.09 5.63 2.85
CA GLY F 79 1.83 4.39 3.11
C GLY F 79 3.15 4.61 3.83
N ARG F 80 3.17 5.59 4.74
CA ARG F 80 4.32 5.92 5.57
C ARG F 80 3.89 5.99 7.05
N THR F 81 3.14 4.99 7.51
CA THR F 81 2.58 5.00 8.90
C THR F 81 3.64 5.31 9.92
N LEU F 82 3.35 6.23 10.81
CA LEU F 82 4.28 6.67 11.82
C LEU F 82 3.66 6.39 13.18
N TYR F 83 4.45 5.77 14.05
CA TYR F 83 4.07 5.55 15.44
C TYR F 83 4.75 6.55 16.32
N GLY F 84 4.04 6.98 17.36
CA GLY F 84 4.63 7.79 18.43
C GLY F 84 4.09 9.20 18.56
N PHE F 85 3.10 9.57 17.74
CA PHE F 85 2.58 10.95 17.76
C PHE F 85 1.05 10.98 17.81
N GLY F 86 0.45 9.91 18.34
CA GLY F 86 -1.01 9.81 18.50
C GLY F 86 -1.61 8.85 17.50
N GLY F 87 -2.93 8.66 17.58
CA GLY F 87 -3.66 7.75 16.68
C GLY F 87 -3.35 6.28 16.89
N LYS G 1 -45.05 11.43 -12.46
CA LYS G 1 -44.96 12.06 -11.08
C LYS G 1 -43.62 11.78 -10.43
N ALA G 2 -43.25 10.49 -10.37
CA ALA G 2 -42.01 10.05 -9.74
C ALA G 2 -40.83 10.31 -10.69
N LYS G 3 -39.96 11.23 -10.28
CA LYS G 3 -38.74 11.55 -11.02
C LYS G 3 -37.56 10.86 -10.31
N THR G 4 -36.62 10.30 -11.08
CA THR G 4 -35.39 9.74 -10.50
C THR G 4 -34.44 10.85 -10.07
N ARG G 5 -33.75 10.60 -8.96
CA ARG G 5 -32.72 11.51 -8.47
C ARG G 5 -31.59 11.71 -9.47
N SER G 6 -31.29 10.68 -10.25
CA SER G 6 -30.34 10.83 -11.34
C SER G 6 -30.79 11.90 -12.31
N SER G 7 -32.01 11.76 -12.84
CA SER G 7 -32.55 12.72 -13.82
C SER G 7 -32.61 14.15 -13.25
N ARG G 8 -32.94 14.28 -11.96
CA ARG G 8 -32.87 15.58 -11.27
C ARG G 8 -31.47 16.17 -11.24
N ALA G 9 -30.47 15.33 -10.93
CA ALA G 9 -29.08 15.78 -10.88
C ALA G 9 -28.42 15.87 -12.27
N GLY G 10 -29.09 15.31 -13.28
CA GLY G 10 -28.61 15.40 -14.66
C GLY G 10 -27.55 14.35 -14.95
N LEU G 11 -27.72 13.17 -14.38
CA LEU G 11 -26.70 12.11 -14.41
C LEU G 11 -27.24 10.82 -15.02
N GLN G 12 -26.36 10.13 -15.74
CA GLN G 12 -26.55 8.74 -16.17
C GLN G 12 -26.34 7.73 -15.04
N PHE G 13 -25.37 7.98 -14.16
CA PHE G 13 -25.07 7.06 -13.06
C PHE G 13 -26.19 7.12 -12.00
N PRO G 14 -26.52 5.96 -11.38
CA PRO G 14 -27.67 5.81 -10.49
C PRO G 14 -27.47 6.38 -9.08
N VAL G 15 -28.09 7.54 -8.82
CA VAL G 15 -27.96 8.20 -7.54
C VAL G 15 -28.52 7.34 -6.43
N GLY G 16 -29.66 6.71 -6.69
CA GLY G 16 -30.34 5.90 -5.68
C GLY G 16 -29.53 4.68 -5.27
N ARG G 17 -29.02 3.95 -6.26
CA ARG G 17 -28.15 2.81 -5.99
C ARG G 17 -26.90 3.20 -5.18
N VAL G 18 -26.31 4.34 -5.53
CA VAL G 18 -25.10 4.84 -4.87
C VAL G 18 -25.40 5.14 -3.43
N HIS G 19 -26.54 5.78 -3.18
CA HIS G 19 -27.01 6.03 -1.82
C HIS G 19 -27.13 4.74 -1.02
N ARG G 20 -27.75 3.73 -1.62
CA ARG G 20 -27.95 2.46 -0.94
C ARG G 20 -26.60 1.79 -0.64
N LEU G 21 -25.72 1.75 -1.64
CA LEU G 21 -24.37 1.21 -1.44
C LEU G 21 -23.58 1.94 -0.35
N LEU G 22 -23.78 3.25 -0.23
CA LEU G 22 -23.20 4.01 0.90
C LEU G 22 -23.79 3.60 2.25
N ARG G 23 -25.11 3.44 2.32
CA ARG G 23 -25.80 3.01 3.57
C ARG G 23 -25.31 1.66 4.06
N LYS G 24 -25.23 0.71 3.14
CA LYS G 24 -25.10 -0.68 3.49
C LYS G 24 -23.65 -1.16 3.47
N GLY G 25 -22.72 -0.22 3.21
CA GLY G 25 -21.29 -0.48 3.29
C GLY G 25 -20.66 -0.11 4.62
N ASN G 26 -21.45 0.28 5.63
CA ASN G 26 -20.95 0.64 6.97
C ASN G 26 -19.88 1.74 6.93
N TYR G 27 -20.10 2.74 6.11
CA TYR G 27 -19.15 3.84 6.01
C TYR G 27 -19.41 4.85 7.09
N SER G 28 -20.69 5.10 7.37
CA SER G 28 -21.09 6.00 8.46
C SER G 28 -22.51 5.64 8.93
N GLU G 29 -22.88 6.13 10.11
CA GLU G 29 -24.24 5.93 10.64
C GLU G 29 -25.28 6.61 9.74
N ARG G 30 -24.94 7.81 9.25
CA ARG G 30 -25.84 8.61 8.40
C ARG G 30 -25.19 9.07 7.09
N VAL G 31 -26.02 9.34 6.10
CA VAL G 31 -25.58 9.79 4.77
C VAL G 31 -26.43 10.96 4.35
N GLY G 32 -25.80 12.12 4.16
CA GLY G 32 -26.44 13.32 3.62
C GLY G 32 -26.97 13.13 2.21
N ALA G 33 -27.95 13.96 1.85
CA ALA G 33 -28.66 13.84 0.57
C ALA G 33 -27.80 14.15 -0.64
N GLY G 34 -26.92 15.13 -0.50
CA GLY G 34 -25.96 15.46 -1.58
C GLY G 34 -24.87 14.44 -1.87
N ALA G 35 -24.51 13.62 -0.87
CA ALA G 35 -23.33 12.73 -0.97
C ALA G 35 -23.42 11.72 -2.11
N PRO G 36 -24.54 10.98 -2.22
CA PRO G 36 -24.67 10.08 -3.37
C PRO G 36 -24.71 10.79 -4.71
N VAL G 37 -25.21 12.03 -4.74
CA VAL G 37 -25.29 12.78 -5.99
C VAL G 37 -23.86 13.11 -6.46
N TYR G 38 -23.12 13.75 -5.55
CA TYR G 38 -21.73 14.12 -5.77
C TYR G 38 -20.90 12.90 -6.20
N LEU G 39 -21.07 11.79 -5.47
CA LEU G 39 -20.26 10.62 -5.70
C LEU G 39 -20.58 10.03 -7.05
N ALA G 40 -21.88 9.91 -7.34
CA ALA G 40 -22.32 9.43 -8.65
C ALA G 40 -21.75 10.24 -9.80
N ALA G 41 -21.74 11.56 -9.65
CA ALA G 41 -21.24 12.45 -10.69
C ALA G 41 -19.74 12.27 -10.85
N VAL G 42 -19.01 12.09 -9.74
CA VAL G 42 -17.54 11.85 -9.82
C VAL G 42 -17.26 10.56 -10.58
N LEU G 43 -17.98 9.49 -10.24
CA LEU G 43 -17.80 8.21 -10.89
C LEU G 43 -18.15 8.25 -12.37
N GLU G 44 -19.23 8.97 -12.72
CA GLU G 44 -19.60 9.20 -14.12
C GLU G 44 -18.52 9.99 -14.85
N TYR G 45 -18.11 11.10 -14.26
CA TYR G 45 -17.03 11.89 -14.86
C TYR G 45 -15.79 11.03 -15.19
N LEU G 46 -15.33 10.22 -14.22
CA LEU G 46 -14.14 9.42 -14.44
C LEU G 46 -14.34 8.38 -15.53
N THR G 47 -15.51 7.76 -15.51
CA THR G 47 -15.92 6.82 -16.55
C THR G 47 -15.90 7.47 -17.94
N ALA G 48 -16.48 8.66 -18.06
CA ALA G 48 -16.47 9.39 -19.33
C ALA G 48 -15.06 9.66 -19.80
N GLU G 49 -14.20 10.12 -18.88
CA GLU G 49 -12.78 10.38 -19.20
C GLU G 49 -12.03 9.14 -19.77
N ILE G 50 -12.19 7.98 -19.13
CA ILE G 50 -11.55 6.75 -19.63
C ILE G 50 -12.16 6.29 -20.97
N LEU G 51 -13.48 6.29 -21.08
CA LEU G 51 -14.14 5.86 -22.33
C LEU G 51 -13.80 6.79 -23.50
N GLU G 52 -13.72 8.09 -23.22
CA GLU G 52 -13.22 9.06 -24.22
C GLU G 52 -11.85 8.66 -24.79
N LEU G 53 -10.87 8.46 -23.91
CA LEU G 53 -9.51 8.08 -24.35
C LEU G 53 -9.47 6.66 -24.92
N ALA G 54 -10.22 5.73 -24.34
CA ALA G 54 -10.21 4.36 -24.85
C ALA G 54 -10.84 4.28 -26.24
N GLY G 55 -11.96 4.99 -26.40
CA GLY G 55 -12.58 5.19 -27.71
C GLY G 55 -11.61 5.71 -28.74
N ASN G 56 -10.79 6.69 -28.37
CA ASN G 56 -9.75 7.22 -29.28
C ASN G 56 -8.71 6.19 -29.64
N ALA G 57 -8.32 5.36 -28.67
CA ALA G 57 -7.36 4.27 -28.93
C ALA G 57 -7.97 3.20 -29.84
N ALA G 58 -9.24 2.89 -29.63
CA ALA G 58 -9.96 2.02 -30.58
C ALA G 58 -9.96 2.60 -32.00
N ARG G 59 -10.35 3.88 -32.11
CA ARG G 59 -10.28 4.58 -33.40
C ARG G 59 -8.87 4.48 -34.08
N ASP G 60 -7.81 4.78 -33.32
CA ASP G 60 -6.43 4.69 -33.85
C ASP G 60 -6.06 3.32 -34.40
N ASN G 61 -6.61 2.26 -33.82
CA ASN G 61 -6.34 0.89 -34.25
C ASN G 61 -7.41 0.37 -35.24
N LYS G 62 -8.13 1.30 -35.89
CA LYS G 62 -9.14 0.97 -36.91
C LYS G 62 -10.20 0.02 -36.36
N LYS G 63 -10.70 0.33 -35.17
CA LYS G 63 -11.69 -0.52 -34.51
C LYS G 63 -12.79 0.30 -33.88
N THR G 64 -13.99 -0.25 -33.90
CA THR G 64 -15.18 0.42 -33.35
C THR G 64 -15.62 -0.14 -32.01
N ARG G 65 -15.07 -1.29 -31.62
CA ARG G 65 -15.37 -1.90 -30.32
C ARG G 65 -14.19 -1.72 -29.35
N ILE G 66 -14.45 -1.05 -28.22
CA ILE G 66 -13.47 -0.96 -27.12
C ILE G 66 -13.16 -2.36 -26.48
N ILE G 67 -11.89 -2.79 -26.53
CA ILE G 67 -11.37 -3.98 -25.80
C ILE G 67 -10.42 -3.55 -24.63
N PRO G 68 -10.08 -4.48 -23.70
CA PRO G 68 -9.16 -4.16 -22.61
C PRO G 68 -7.86 -3.52 -23.01
N ARG G 69 -7.28 -3.98 -24.12
CA ARG G 69 -6.08 -3.36 -24.71
C ARG G 69 -6.23 -1.85 -24.86
N HIS G 70 -7.40 -1.41 -25.34
CA HIS G 70 -7.63 0.01 -25.56
C HIS G 70 -7.75 0.76 -24.26
N LEU G 71 -8.33 0.10 -23.23
CA LEU G 71 -8.37 0.67 -21.90
C LEU G 71 -6.96 0.83 -21.32
N GLN G 72 -6.12 -0.19 -21.49
CA GLN G 72 -4.74 -0.14 -21.02
C GLN G 72 -3.95 0.96 -21.71
N LEU G 73 -4.06 1.06 -23.03
CA LEU G 73 -3.36 2.11 -23.77
C LEU G 73 -3.80 3.50 -23.32
N ALA G 74 -5.10 3.65 -23.10
CA ALA G 74 -5.64 4.93 -22.65
C ALA G 74 -5.09 5.34 -21.30
N ILE G 75 -5.10 4.38 -20.37
CA ILE G 75 -4.75 4.64 -18.98
C ILE G 75 -3.25 4.92 -18.83
N ARG G 76 -2.43 4.07 -19.42
CA ARG G 76 -0.99 4.15 -19.21
C ARG G 76 -0.36 5.28 -20.00
N ASN G 77 -0.97 5.70 -21.11
CA ASN G 77 -0.52 6.91 -21.84
C ASN G 77 -1.02 8.22 -21.27
N ASP G 78 -1.85 8.19 -20.24
CA ASP G 78 -2.33 9.39 -19.60
C ASP G 78 -1.70 9.47 -18.21
N GLU G 79 -0.96 10.55 -17.96
CA GLU G 79 -0.16 10.65 -16.75
C GLU G 79 -1.04 10.55 -15.48
N GLU G 80 -2.15 11.26 -15.47
CA GLU G 80 -3.00 11.28 -14.30
C GLU G 80 -3.78 9.95 -14.08
N LEU G 81 -4.31 9.35 -15.13
CA LEU G 81 -5.01 8.08 -14.99
C LEU G 81 -4.06 6.96 -14.59
N ASN G 82 -2.87 6.97 -15.16
CA ASN G 82 -1.82 6.01 -14.83
C ASN G 82 -1.46 6.07 -13.36
N LYS G 83 -1.37 7.28 -12.81
CA LYS G 83 -1.11 7.47 -11.38
C LYS G 83 -2.28 6.98 -10.50
N LEU G 84 -3.51 7.43 -10.79
CA LEU G 84 -4.70 6.93 -10.06
C LEU G 84 -4.78 5.40 -10.01
N LEU G 85 -4.42 4.77 -11.13
CA LEU G 85 -4.46 3.32 -11.31
C LEU G 85 -3.06 2.66 -11.33
N GLY G 86 -2.10 3.25 -10.63
CA GLY G 86 -0.72 2.75 -10.59
C GLY G 86 -0.57 1.36 -9.98
N ARG G 87 -1.45 0.99 -9.06
CA ARG G 87 -1.39 -0.34 -8.40
C ARG G 87 -2.54 -1.28 -8.86
N VAL G 88 -2.93 -1.17 -10.13
CA VAL G 88 -4.04 -1.95 -10.68
C VAL G 88 -3.61 -2.64 -11.96
N THR G 89 -4.10 -3.86 -12.14
CA THR G 89 -3.84 -4.65 -13.35
C THR G 89 -5.12 -4.72 -14.18
N ILE G 90 -5.02 -4.32 -15.44
CA ILE G 90 -6.09 -4.51 -16.41
C ILE G 90 -5.90 -5.85 -17.09
N ALA G 91 -6.76 -6.82 -16.77
CA ALA G 91 -6.71 -8.13 -17.44
C ALA G 91 -6.72 -7.94 -18.94
N GLN G 92 -5.90 -8.71 -19.64
CA GLN G 92 -5.83 -8.68 -21.09
C GLN G 92 -5.47 -7.29 -21.60
N GLY G 93 -4.70 -6.54 -20.80
CA GLY G 93 -4.28 -5.20 -21.16
C GLY G 93 -2.97 -5.18 -21.93
N GLY G 94 -2.10 -6.13 -21.65
CA GLY G 94 -0.68 -6.06 -22.07
C GLY G 94 0.05 -4.80 -21.57
N VAL G 95 1.10 -4.42 -22.27
CA VAL G 95 1.92 -3.26 -21.89
C VAL G 95 2.11 -2.32 -23.05
N LEU G 96 2.64 -1.15 -22.75
CA LEU G 96 2.98 -0.17 -23.77
C LEU G 96 4.24 -0.61 -24.52
N PRO G 97 4.25 -0.44 -25.86
CA PRO G 97 5.52 -0.69 -26.56
C PRO G 97 6.58 0.22 -26.00
N ASN G 98 7.71 -0.37 -25.60
CA ASN G 98 8.75 0.38 -24.96
C ASN G 98 10.03 -0.46 -24.91
N ILE G 99 11.05 -0.03 -25.63
CA ILE G 99 12.34 -0.71 -25.69
C ILE G 99 13.36 0.28 -25.23
N GLN G 100 14.15 -0.10 -24.22
CA GLN G 100 15.20 0.75 -23.68
C GLN G 100 16.21 1.01 -24.78
N ALA G 101 16.70 2.26 -24.82
CA ALA G 101 17.51 2.77 -25.94
C ALA G 101 18.77 1.94 -26.21
N VAL G 102 19.47 1.59 -25.12
CA VAL G 102 20.73 0.84 -25.19
C VAL G 102 20.60 -0.56 -25.77
N LEU G 103 19.37 -1.08 -25.79
CA LEU G 103 19.10 -2.38 -26.42
C LEU G 103 18.94 -2.31 -27.94
N LEU G 104 18.73 -1.12 -28.51
CA LEU G 104 18.59 -0.98 -29.96
C LEU G 104 19.92 -1.26 -30.65
N PRO G 105 19.87 -1.88 -31.84
CA PRO G 105 21.10 -2.17 -32.55
C PRO G 105 21.69 -0.88 -33.11
N LYS G 106 22.91 -0.96 -33.61
CA LYS G 106 23.60 0.22 -34.16
C LYS G 106 23.68 0.02 -35.67
N LYS G 107 24.53 -0.93 -36.09
CA LYS G 107 24.79 -1.21 -37.51
C LYS G 107 25.64 -2.49 -37.67
N ARG H 1 -29.74 -17.61 -10.65
CA ARG H 1 -31.02 -16.91 -11.00
C ARG H 1 -31.31 -15.62 -10.23
N SER H 2 -30.70 -15.44 -9.06
CA SER H 2 -30.79 -14.16 -8.36
C SER H 2 -30.13 -13.03 -9.17
N ARG H 3 -30.50 -11.81 -8.84
CA ARG H 3 -30.08 -10.63 -9.59
C ARG H 3 -28.65 -10.29 -9.23
N LYS H 4 -27.82 -10.10 -10.25
CA LYS H 4 -26.43 -9.71 -10.09
C LYS H 4 -26.27 -8.29 -10.68
N GLU H 5 -26.37 -7.29 -9.82
CA GLU H 5 -26.23 -5.88 -10.22
C GLU H 5 -24.84 -5.52 -10.73
N SER H 6 -24.80 -4.52 -11.61
CA SER H 6 -23.55 -3.94 -12.07
C SER H 6 -23.82 -2.55 -12.62
N TYR H 7 -22.73 -1.87 -13.01
CA TYR H 7 -22.82 -0.50 -13.54
C TYR H 7 -22.90 -0.47 -15.07
N SER H 8 -23.03 -1.63 -15.71
CA SER H 8 -22.79 -1.73 -17.15
C SER H 8 -23.79 -0.96 -18.01
N ILE H 9 -25.04 -0.89 -17.57
CA ILE H 9 -26.06 -0.06 -18.21
C ILE H 9 -25.62 1.38 -18.30
N TYR H 10 -25.02 1.89 -17.21
CA TYR H 10 -24.64 3.30 -17.09
C TYR H 10 -23.32 3.60 -17.78
N VAL H 11 -22.37 2.65 -17.69
CA VAL H 11 -21.14 2.76 -18.46
C VAL H 11 -21.48 2.87 -19.95
N TYR H 12 -22.37 2.00 -20.41
CA TYR H 12 -22.82 1.99 -21.81
C TYR H 12 -23.45 3.32 -22.21
N LYS H 13 -24.33 3.86 -21.36
CA LYS H 13 -24.95 5.16 -21.65
C LYS H 13 -23.91 6.27 -21.78
N VAL H 14 -22.94 6.31 -20.86
CA VAL H 14 -21.85 7.29 -20.95
C VAL H 14 -21.00 7.05 -22.22
N LEU H 15 -20.75 5.78 -22.57
CA LEU H 15 -20.04 5.46 -23.83
C LEU H 15 -20.70 6.12 -25.07
N LYS H 16 -22.03 6.03 -25.14
CA LYS H 16 -22.79 6.59 -26.26
C LYS H 16 -22.77 8.12 -26.33
N GLN H 17 -22.78 8.80 -25.18
CA GLN H 17 -22.60 10.25 -25.16
C GLN H 17 -21.24 10.69 -25.70
N VAL H 18 -20.22 9.92 -25.36
CA VAL H 18 -18.83 10.26 -25.63
C VAL H 18 -18.38 9.77 -27.01
N HIS H 19 -18.82 8.57 -27.41
CA HIS H 19 -18.48 7.97 -28.71
C HIS H 19 -19.69 7.21 -29.29
N PRO H 20 -20.64 7.94 -29.93
CA PRO H 20 -21.94 7.31 -30.27
C PRO H 20 -21.85 6.09 -31.17
N ASP H 21 -20.83 5.99 -32.01
CA ASP H 21 -20.61 4.85 -32.91
C ASP H 21 -19.61 3.79 -32.39
N THR H 22 -19.27 3.84 -31.10
CA THR H 22 -18.30 2.91 -30.51
C THR H 22 -18.99 1.93 -29.55
N GLY H 23 -18.68 0.64 -29.70
CA GLY H 23 -19.15 -0.39 -28.77
C GLY H 23 -18.07 -0.80 -27.77
N ILE H 24 -18.36 -1.82 -26.98
CA ILE H 24 -17.48 -2.29 -25.91
C ILE H 24 -17.64 -3.79 -25.72
N SER H 25 -16.53 -4.51 -25.63
CA SER H 25 -16.59 -5.94 -25.40
C SER H 25 -17.03 -6.25 -23.97
N SER H 26 -17.39 -7.50 -23.76
CA SER H 26 -17.80 -7.97 -22.43
C SER H 26 -16.63 -7.83 -21.44
N LYS H 27 -15.43 -8.23 -21.86
CA LYS H 27 -14.24 -8.09 -21.02
C LYS H 27 -13.94 -6.63 -20.67
N ALA H 28 -14.00 -5.75 -21.67
CA ALA H 28 -13.79 -4.34 -21.42
C ALA H 28 -14.81 -3.80 -20.43
N MET H 29 -16.05 -4.24 -20.56
CA MET H 29 -17.10 -3.83 -19.62
C MET H 29 -16.85 -4.32 -18.18
N GLY H 30 -16.29 -5.52 -18.04
CA GLY H 30 -15.90 -6.04 -16.71
C GLY H 30 -14.79 -5.19 -16.06
N ILE H 31 -13.85 -4.74 -16.88
CA ILE H 31 -12.83 -3.81 -16.42
C ILE H 31 -13.43 -2.51 -15.97
N MET H 32 -14.39 -1.97 -16.73
CA MET H 32 -15.05 -0.73 -16.33
C MET H 32 -15.84 -0.86 -15.02
N ASN H 33 -16.51 -2.00 -14.85
CA ASN H 33 -17.20 -2.29 -13.59
C ASN H 33 -16.25 -2.34 -12.40
N SER H 34 -15.17 -3.10 -12.56
CA SER H 34 -14.06 -3.13 -11.55
C SER H 34 -13.61 -1.71 -11.24
N PHE H 35 -13.36 -0.92 -12.28
CA PHE H 35 -12.98 0.47 -12.09
C PHE H 35 -13.96 1.24 -11.21
N VAL H 36 -15.24 1.27 -11.60
CA VAL H 36 -16.22 2.03 -10.83
C VAL H 36 -16.26 1.58 -9.35
N ASN H 37 -16.32 0.26 -9.13
CA ASN H 37 -16.35 -0.29 -7.76
C ASN H 37 -15.10 0.06 -6.95
N ASP H 38 -13.92 0.03 -7.60
CA ASP H 38 -12.66 0.38 -6.91
C ASP H 38 -12.73 1.85 -6.46
N ILE H 39 -13.01 2.76 -7.39
CA ILE H 39 -13.00 4.19 -7.02
C ILE H 39 -14.12 4.49 -6.03
N PHE H 40 -15.30 3.88 -6.23
CA PHE H 40 -16.33 3.96 -5.19
C PHE H 40 -15.75 3.66 -3.80
N GLU H 41 -15.13 2.48 -3.67
CA GLU H 41 -14.59 2.04 -2.38
C GLU H 41 -13.52 3.00 -1.85
N ARG H 42 -12.61 3.46 -2.70
CA ARG H 42 -11.57 4.40 -2.26
C ARG H 42 -12.15 5.69 -1.74
N ILE H 43 -13.08 6.26 -2.49
CA ILE H 43 -13.69 7.52 -2.10
C ILE H 43 -14.52 7.37 -0.84
N ALA H 44 -15.38 6.36 -0.82
CA ALA H 44 -16.23 6.13 0.35
C ALA H 44 -15.42 5.85 1.60
N GLY H 45 -14.32 5.10 1.45
CA GLY H 45 -13.44 4.79 2.58
C GLY H 45 -12.71 6.01 3.11
N GLU H 46 -12.22 6.88 2.23
CA GLU H 46 -11.60 8.10 2.71
C GLU H 46 -12.65 8.99 3.40
N ALA H 47 -13.85 9.07 2.84
CA ALA H 47 -14.93 9.88 3.42
C ALA H 47 -15.29 9.39 4.80
N SER H 48 -15.41 8.07 4.93
CA SER H 48 -15.66 7.44 6.25
C SER H 48 -14.58 7.83 7.27
N ARG H 49 -13.31 7.74 6.87
CA ARG H 49 -12.23 8.14 7.78
C ARG H 49 -12.35 9.61 8.17
N LEU H 50 -12.63 10.46 7.19
CA LEU H 50 -12.79 11.88 7.45
C LEU H 50 -13.87 12.18 8.49
N ALA H 51 -15.04 11.58 8.32
CA ALA H 51 -16.11 11.72 9.29
C ALA H 51 -15.70 11.22 10.66
N HIS H 52 -15.12 10.02 10.72
CA HIS H 52 -14.64 9.48 12.00
C HIS H 52 -13.60 10.36 12.66
N TYR H 53 -12.65 10.91 11.90
CA TYR H 53 -11.61 11.78 12.49
C TYR H 53 -12.19 13.04 13.06
N ASN H 54 -13.28 13.52 12.47
CA ASN H 54 -13.96 14.72 12.96
C ASN H 54 -15.21 14.42 13.83
N LYS H 55 -15.32 13.19 14.33
CA LYS H 55 -16.36 12.77 15.28
C LYS H 55 -17.73 13.17 14.76
N ARG H 56 -17.98 12.85 13.49
CA ARG H 56 -19.23 13.12 12.81
C ARG H 56 -19.83 11.79 12.43
N SER H 57 -21.15 11.70 12.56
CA SER H 57 -21.87 10.49 12.24
C SER H 57 -22.29 10.43 10.78
N THR H 58 -22.07 11.52 10.04
CA THR H 58 -22.61 11.74 8.71
C THR H 58 -21.55 11.99 7.60
N ILE H 59 -21.66 11.24 6.51
CA ILE H 59 -20.94 11.55 5.30
C ILE H 59 -21.80 12.46 4.45
N THR H 60 -21.35 13.70 4.27
CA THR H 60 -21.98 14.66 3.38
C THR H 60 -21.14 14.81 2.12
N SER H 61 -21.65 15.60 1.18
CA SER H 61 -20.90 15.92 -0.03
C SER H 61 -19.56 16.61 0.28
N ARG H 62 -19.42 17.21 1.46
CA ARG H 62 -18.17 17.80 1.87
C ARG H 62 -17.06 16.76 2.18
N GLU H 63 -17.43 15.62 2.77
CA GLU H 63 -16.52 14.49 2.94
C GLU H 63 -16.18 13.84 1.61
N ILE H 64 -17.14 13.80 0.67
CA ILE H 64 -16.88 13.24 -0.65
C ILE H 64 -15.92 14.13 -1.40
N GLN H 65 -16.14 15.45 -1.30
CA GLN H 65 -15.26 16.41 -1.96
C GLN H 65 -13.81 16.34 -1.48
N THR H 66 -13.60 16.40 -0.17
CA THR H 66 -12.26 16.31 0.41
C THR H 66 -11.59 14.96 0.10
N ALA H 67 -12.36 13.88 0.13
CA ALA H 67 -11.87 12.56 -0.28
C ALA H 67 -11.40 12.57 -1.73
N VAL H 68 -12.15 13.23 -2.61
CA VAL H 68 -11.77 13.36 -4.04
C VAL H 68 -10.46 14.13 -4.17
N ARG H 69 -10.30 15.20 -3.39
CA ARG H 69 -9.05 15.96 -3.42
C ARG H 69 -7.86 15.16 -2.89
N LEU H 70 -8.06 14.35 -1.87
CA LEU H 70 -7.00 13.46 -1.37
C LEU H 70 -6.62 12.36 -2.36
N LEU H 71 -7.59 11.83 -3.11
CA LEU H 71 -7.39 10.61 -3.92
C LEU H 71 -7.06 10.82 -5.37
N LEU H 72 -7.59 11.87 -5.98
CA LEU H 72 -7.35 12.06 -7.42
C LEU H 72 -6.16 12.99 -7.63
N PRO H 73 -5.38 12.75 -8.69
CA PRO H 73 -4.34 13.67 -9.14
C PRO H 73 -4.91 14.98 -9.66
N GLY H 74 -4.18 16.06 -9.37
CA GLY H 74 -4.52 17.45 -9.72
C GLY H 74 -5.71 17.70 -10.62
N GLU H 75 -5.50 17.58 -11.94
CA GLU H 75 -6.50 17.97 -12.93
C GLU H 75 -7.78 17.12 -12.90
N LEU H 76 -7.61 15.81 -12.76
CA LEU H 76 -8.75 14.93 -12.48
C LEU H 76 -9.55 15.40 -11.27
N ALA H 77 -8.87 15.76 -10.19
CA ALA H 77 -9.55 16.19 -8.99
C ALA H 77 -10.36 17.45 -9.25
N LYS H 78 -9.73 18.44 -9.90
CA LYS H 78 -10.39 19.70 -10.21
C LYS H 78 -11.69 19.48 -10.99
N HIS H 79 -11.64 18.74 -12.09
CA HIS H 79 -12.83 18.47 -12.90
C HIS H 79 -13.85 17.60 -12.16
N ALA H 80 -13.39 16.63 -11.39
CA ALA H 80 -14.29 15.79 -10.59
C ALA H 80 -15.05 16.63 -9.59
N VAL H 81 -14.32 17.50 -8.91
CA VAL H 81 -14.89 18.44 -7.94
C VAL H 81 -15.94 19.35 -8.60
N SER H 82 -15.62 19.87 -9.79
CA SER H 82 -16.55 20.77 -10.50
C SER H 82 -17.78 20.02 -11.02
N GLU H 83 -17.58 18.80 -11.54
CA GLU H 83 -18.70 17.92 -11.88
C GLU H 83 -19.57 17.55 -10.67
N GLY H 84 -18.94 17.27 -9.53
CA GLY H 84 -19.69 16.92 -8.33
C GLY H 84 -20.55 18.08 -7.83
N THR H 85 -19.95 19.25 -7.76
CA THR H 85 -20.62 20.45 -7.31
C THR H 85 -21.77 20.82 -8.24
N LYS H 86 -21.54 20.71 -9.55
CA LYS H 86 -22.57 20.97 -10.55
C LYS H 86 -23.81 20.08 -10.37
N ALA H 87 -23.58 18.78 -10.20
CA ALA H 87 -24.67 17.83 -10.01
C ALA H 87 -25.46 18.10 -8.73
N VAL H 88 -24.78 18.52 -7.65
CA VAL H 88 -25.47 18.82 -6.39
C VAL H 88 -26.33 20.08 -6.55
N THR H 89 -25.78 21.12 -7.21
CA THR H 89 -26.53 22.33 -7.55
C THR H 89 -27.77 21.99 -8.39
N LYS H 90 -27.57 21.36 -9.55
CA LYS H 90 -28.69 20.93 -10.40
C LYS H 90 -29.75 20.18 -9.58
N TYR H 91 -29.30 19.26 -8.73
CA TYR H 91 -30.19 18.46 -7.88
C TYR H 91 -30.97 19.27 -6.83
N THR H 92 -30.37 20.33 -6.28
CA THR H 92 -31.06 21.22 -5.34
C THR H 92 -32.02 22.15 -6.09
N SER H 93 -31.51 22.80 -7.14
CA SER H 93 -32.32 23.62 -8.06
C SER H 93 -33.16 22.70 -8.97
N ALA H 94 -34.15 22.04 -8.38
CA ALA H 94 -35.01 21.08 -9.08
C ALA H 94 -36.17 20.69 -8.17
N LYS H 95 -37.25 21.47 -8.28
CA LYS H 95 -38.49 21.29 -7.48
C LYS H 95 -38.97 19.84 -7.33
#